data_5MTL
#
_entry.id   5MTL
#
_cell.length_a   46.484
_cell.length_b   65.085
_cell.length_c   88.386
_cell.angle_alpha   84.96
_cell.angle_beta   86.66
_cell.angle_gamma   79.93
#
_symmetry.space_group_name_H-M   'P 1'
#
loop_
_entity.id
_entity.type
_entity.pdbx_description
1 polymer 'light chain dimer,IGL@ protein,IGL@ protein'
2 water water
#
_entity_poly.entity_id   1
_entity_poly.type   'polypeptide(L)'
_entity_poly.pdbx_seq_one_letter_code
;QSVLTQPPSTSGTPGQRVTISCSGSSSNIETNTVNWYQQLPGTAPKLVMHTNNQRPSGVPDRFSGSRSGTSASLAIGGLQ
SEDEADYFCAAWDDNLNGVIFGGGTKLTVLGQPKAAPSVTLFPPSSEELQANKATLVCLISDFYPGAVTVAWKADSSPVK
AGVETTTPSKQSNNKYAASSYLSLTPEQWKSHKSYSCQVTHEGSTVEKTVAPTECS
;
_entity_poly.pdbx_strand_id   A,B,C,D
#
# COMPACT_ATOMS: atom_id res chain seq x y z
N LEU A 4 21.69 -2.65 -49.57
CA LEU A 4 20.93 -3.56 -48.71
C LEU A 4 19.71 -2.87 -48.14
N THR A 5 18.52 -3.19 -48.66
CA THR A 5 17.29 -2.62 -48.15
C THR A 5 16.44 -3.69 -47.48
N GLN A 6 15.80 -3.31 -46.38
CA GLN A 6 14.99 -4.18 -45.54
C GLN A 6 13.62 -3.54 -45.33
N PRO A 7 12.59 -4.35 -45.08
CA PRO A 7 11.34 -3.81 -44.58
C PRO A 7 11.54 -3.18 -43.21
N PRO A 8 11.01 -1.97 -42.98
CA PRO A 8 11.34 -1.27 -41.74
C PRO A 8 10.61 -1.78 -40.51
N SER A 9 9.52 -2.53 -40.68
CA SER A 9 8.82 -3.11 -39.55
C SER A 9 8.11 -4.38 -39.98
N THR A 10 7.75 -5.19 -39.00
CA THR A 10 7.00 -6.42 -39.18
C THR A 10 6.54 -6.87 -37.80
N SER A 11 5.64 -7.85 -37.77
CA SER A 11 5.10 -8.25 -36.49
C SER A 11 4.52 -9.65 -36.57
N GLY A 12 4.37 -10.26 -35.39
CA GLY A 12 3.77 -11.58 -35.24
C GLY A 12 3.37 -11.80 -33.79
N THR A 13 2.63 -12.89 -33.57
CA THR A 13 2.11 -13.27 -32.25
C THR A 13 2.86 -14.48 -31.70
N PRO A 14 3.02 -14.56 -30.37
CA PRO A 14 3.77 -15.68 -29.78
C PRO A 14 3.37 -17.04 -30.33
N GLY A 15 4.38 -17.89 -30.53
CA GLY A 15 4.20 -19.20 -31.13
C GLY A 15 4.35 -19.23 -32.63
N GLN A 16 4.22 -18.08 -33.29
CA GLN A 16 4.25 -17.97 -34.74
C GLN A 16 5.69 -18.06 -35.26
N ARG A 17 5.83 -17.94 -36.58
CA ARG A 17 7.14 -17.93 -37.22
C ARG A 17 7.21 -16.69 -38.11
N VAL A 18 8.23 -15.86 -37.89
CA VAL A 18 8.40 -14.63 -38.64
C VAL A 18 9.75 -14.68 -39.34
N THR A 19 9.84 -13.93 -40.44
CA THR A 19 11.07 -13.86 -41.23
C THR A 19 11.36 -12.43 -41.62
N ILE A 20 12.64 -12.08 -41.67
CA ILE A 20 13.09 -10.75 -42.07
C ILE A 20 13.77 -10.88 -43.43
N SER A 21 13.44 -10.00 -44.36
CA SER A 21 13.93 -10.07 -45.72
C SER A 21 15.10 -9.12 -45.93
N CYS A 22 15.93 -9.43 -46.91
CA CYS A 22 17.11 -8.64 -47.22
C CYS A 22 17.61 -8.94 -48.64
N ASN A 28 27.70 -8.49 -54.85
CA ASN A 28 27.72 -7.75 -53.60
C ASN A 28 27.23 -8.63 -52.45
N ILE A 29 26.15 -9.36 -52.70
CA ILE A 29 25.63 -10.34 -51.75
C ILE A 29 25.55 -11.68 -52.48
N GLU A 30 25.35 -11.62 -53.80
CA GLU A 30 25.35 -12.82 -54.63
C GLU A 30 26.65 -13.60 -54.49
N THR A 31 27.75 -12.92 -54.21
CA THR A 31 29.06 -13.55 -54.01
C THR A 31 29.42 -13.71 -52.54
N ASN A 32 29.16 -12.70 -51.72
CA ASN A 32 29.55 -12.71 -50.32
C ASN A 32 28.46 -13.33 -49.46
N THR A 33 28.75 -13.46 -48.17
CA THR A 33 27.83 -14.02 -47.20
C THR A 33 27.22 -12.92 -46.33
N VAL A 34 26.15 -13.27 -45.64
CA VAL A 34 25.30 -12.31 -44.95
C VAL A 34 25.30 -12.63 -43.46
N ASN A 35 25.41 -11.59 -42.64
CA ASN A 35 25.34 -11.71 -41.20
C ASN A 35 24.14 -10.93 -40.68
N TRP A 36 23.66 -11.32 -39.50
CA TRP A 36 22.48 -10.71 -38.90
C TRP A 36 22.81 -10.26 -37.48
N TYR A 37 22.27 -9.09 -37.12
CA TYR A 37 22.48 -8.50 -35.81
C TYR A 37 21.15 -8.21 -35.15
N GLN A 38 21.04 -8.56 -33.88
CA GLN A 38 19.90 -8.22 -33.04
C GLN A 38 20.31 -7.12 -32.08
N GLN A 39 19.53 -6.04 -32.04
CA GLN A 39 19.78 -4.92 -31.13
C GLN A 39 18.49 -4.50 -30.45
N LEU A 40 18.51 -4.51 -29.16
CA LEU A 40 17.59 -4.08 -28.14
C LEU A 40 17.90 -2.61 -27.78
N PRO A 41 16.90 -1.83 -27.40
CA PRO A 41 17.15 -0.39 -27.18
C PRO A 41 18.17 -0.15 -26.08
N GLY A 42 19.16 0.70 -26.37
CA GLY A 42 20.19 1.00 -25.40
C GLY A 42 21.24 -0.07 -25.25
N THR A 43 21.44 -0.91 -26.27
CA THR A 43 22.33 -2.05 -26.16
C THR A 43 23.18 -2.18 -27.42
N ALA A 44 24.40 -2.68 -27.26
CA ALA A 44 25.27 -2.92 -28.41
C ALA A 44 24.68 -4.02 -29.30
N PRO A 45 24.82 -3.91 -30.63
CA PRO A 45 24.30 -4.97 -31.50
C PRO A 45 24.98 -6.31 -31.22
N LYS A 46 24.18 -7.38 -31.24
CA LYS A 46 24.66 -8.71 -30.90
C LYS A 46 24.49 -9.61 -32.11
N LEU A 47 25.59 -10.23 -32.54
CA LEU A 47 25.58 -11.14 -33.67
C LEU A 47 24.73 -12.37 -33.39
N VAL A 48 23.82 -12.69 -34.31
CA VAL A 48 22.96 -13.86 -34.19
C VAL A 48 23.01 -14.76 -35.41
N MET A 49 23.73 -14.39 -36.47
CA MET A 49 23.85 -15.29 -37.61
C MET A 49 25.17 -15.07 -38.33
N HIS A 50 25.77 -16.17 -38.82
CA HIS A 50 27.13 -16.18 -39.36
C HIS A 50 27.12 -16.20 -40.86
N THR A 51 27.96 -17.08 -41.40
CA THR A 51 28.13 -17.23 -42.84
C THR A 51 26.84 -17.84 -43.39
N ASN A 52 25.84 -16.96 -43.54
CA ASN A 52 24.48 -17.23 -44.01
C ASN A 52 23.65 -17.97 -42.97
N ASN A 53 24.24 -18.93 -42.24
CA ASN A 53 23.40 -19.84 -41.48
C ASN A 53 23.98 -20.36 -40.16
N GLN A 54 25.18 -19.96 -39.74
CA GLN A 54 25.81 -20.58 -38.57
C GLN A 54 25.50 -19.73 -37.34
N ARG A 55 25.04 -20.38 -36.26
CA ARG A 55 24.69 -19.49 -35.16
C ARG A 55 25.85 -19.36 -34.19
N PRO A 56 26.09 -18.17 -33.63
CA PRO A 56 26.96 -18.08 -32.46
C PRO A 56 26.35 -18.89 -31.32
N SER A 57 27.19 -19.22 -30.34
CA SER A 57 26.70 -19.93 -29.17
C SER A 57 25.87 -19.01 -28.29
N GLY A 58 24.86 -19.57 -27.63
CA GLY A 58 23.92 -18.80 -26.86
C GLY A 58 22.69 -18.34 -27.63
N VAL A 59 22.80 -18.24 -28.95
CA VAL A 59 21.64 -17.91 -29.77
C VAL A 59 20.76 -19.16 -29.89
N PRO A 60 19.45 -19.05 -29.65
CA PRO A 60 18.61 -20.25 -29.65
C PRO A 60 18.50 -20.89 -31.02
N ASP A 61 18.12 -22.17 -31.01
CA ASP A 61 17.89 -22.93 -32.23
C ASP A 61 16.70 -22.43 -33.03
N ARG A 62 15.85 -21.59 -32.44
CA ARG A 62 14.70 -21.07 -33.17
C ARG A 62 15.11 -20.19 -34.35
N PHE A 63 16.30 -19.61 -34.30
CA PHE A 63 16.79 -18.71 -35.33
C PHE A 63 17.51 -19.48 -36.41
N SER A 64 17.00 -19.42 -37.64
CA SER A 64 17.69 -19.95 -38.81
C SER A 64 17.75 -18.87 -39.88
N GLY A 65 18.85 -18.88 -40.62
CA GLY A 65 19.04 -17.93 -41.70
C GLY A 65 19.35 -18.64 -43.00
N SER A 66 19.04 -17.96 -44.11
CA SER A 66 19.23 -18.57 -45.40
C SER A 66 19.52 -17.50 -46.45
N ARG A 67 20.05 -17.95 -47.59
CA ARG A 67 20.45 -17.09 -48.69
C ARG A 67 20.34 -17.83 -50.02
N THR A 70 20.46 -13.46 -54.42
CA THR A 70 20.64 -12.02 -54.36
C THR A 70 20.01 -11.49 -53.06
N SER A 71 19.33 -12.38 -52.36
CA SER A 71 18.58 -12.04 -51.16
C SER A 71 18.97 -12.93 -49.99
N ALA A 72 18.60 -12.50 -48.79
CA ALA A 72 18.90 -13.23 -47.56
C ALA A 72 17.71 -13.11 -46.63
N SER A 73 17.55 -14.10 -45.75
CA SER A 73 16.38 -14.18 -44.88
C SER A 73 16.76 -14.68 -43.49
N LEU A 74 16.10 -14.11 -42.48
CA LEU A 74 16.22 -14.51 -41.08
C LEU A 74 14.87 -15.00 -40.58
N ALA A 75 14.75 -16.30 -40.37
CA ALA A 75 13.52 -16.90 -39.88
C ALA A 75 13.63 -17.09 -38.37
N ILE A 76 12.60 -16.63 -37.65
CA ILE A 76 12.54 -16.71 -36.20
C ILE A 76 11.36 -17.60 -35.84
N GLY A 77 11.65 -18.78 -35.30
CA GLY A 77 10.62 -19.73 -34.94
C GLY A 77 10.19 -19.59 -33.48
N GLY A 78 8.92 -19.94 -33.23
CA GLY A 78 8.39 -19.88 -31.88
C GLY A 78 8.55 -18.51 -31.26
N LEU A 79 7.96 -17.50 -31.89
CA LEU A 79 8.15 -16.11 -31.48
C LEU A 79 7.89 -15.95 -29.99
N GLN A 80 8.75 -15.16 -29.34
CA GLN A 80 8.70 -14.89 -27.92
C GLN A 80 8.76 -13.39 -27.69
N SER A 81 8.38 -12.96 -26.49
CA SER A 81 8.39 -11.54 -26.17
C SER A 81 9.78 -10.95 -26.25
N GLU A 82 10.80 -11.73 -25.88
CA GLU A 82 12.17 -11.24 -25.87
C GLU A 82 12.75 -11.08 -27.27
N ASP A 83 12.05 -11.51 -28.31
CA ASP A 83 12.54 -11.32 -29.67
C ASP A 83 12.23 -9.94 -30.21
N GLU A 84 11.56 -9.11 -29.43
CA GLU A 84 11.20 -7.77 -29.84
C GLU A 84 12.46 -6.93 -29.97
N ALA A 85 12.79 -6.51 -31.20
CA ALA A 85 14.09 -5.88 -31.44
C ALA A 85 14.25 -5.36 -32.86
N ASP A 86 15.40 -4.73 -33.13
CA ASP A 86 15.81 -4.33 -34.45
C ASP A 86 16.78 -5.36 -35.00
N TYR A 87 16.55 -5.78 -36.25
CA TYR A 87 17.37 -6.79 -36.90
C TYR A 87 18.00 -6.18 -38.15
N PHE A 88 19.32 -6.16 -38.19
CA PHE A 88 20.06 -5.54 -39.29
C PHE A 88 20.75 -6.59 -40.16
N CYS A 89 20.68 -6.37 -41.46
CA CYS A 89 21.41 -7.16 -42.44
C CYS A 89 22.80 -6.58 -42.61
N ALA A 90 23.76 -7.41 -43.00
CA ALA A 90 25.13 -6.95 -43.13
C ALA A 90 25.89 -7.87 -44.07
N ALA A 91 26.74 -7.28 -44.91
CA ALA A 91 27.54 -8.07 -45.85
C ALA A 91 28.60 -7.18 -46.47
N TRP A 92 29.54 -7.82 -47.15
CA TRP A 92 30.62 -7.14 -47.88
C TRP A 92 30.28 -7.12 -49.37
N PHE A 101 25.68 -2.55 -43.84
CA PHE A 101 24.47 -2.82 -43.08
C PHE A 101 23.20 -2.40 -43.81
N GLY A 102 22.12 -3.17 -43.62
CA GLY A 102 20.83 -2.77 -44.10
C GLY A 102 20.15 -1.80 -43.15
N GLY A 103 19.03 -1.24 -43.60
CA GLY A 103 18.36 -0.21 -42.83
C GLY A 103 17.92 -0.69 -41.45
N GLY A 104 17.31 -1.86 -41.39
CA GLY A 104 16.80 -2.41 -40.15
C GLY A 104 15.37 -2.88 -40.27
N THR A 105 14.97 -3.78 -39.38
CA THR A 105 13.58 -4.19 -39.27
C THR A 105 13.19 -4.26 -37.80
N LYS A 106 12.30 -3.37 -37.37
CA LYS A 106 11.80 -3.48 -36.00
C LYS A 106 10.71 -4.54 -35.97
N LEU A 107 10.92 -5.54 -35.11
CA LEU A 107 10.01 -6.65 -34.94
C LEU A 107 9.20 -6.40 -33.67
N THR A 108 7.87 -6.40 -33.83
CA THR A 108 6.97 -6.20 -32.71
C THR A 108 6.27 -7.50 -32.41
N VAL A 109 6.30 -7.92 -31.15
CA VAL A 109 5.54 -9.07 -30.67
C VAL A 109 4.23 -8.53 -30.11
N LEU A 110 3.13 -8.76 -30.82
CA LEU A 110 1.83 -8.22 -30.42
C LEU A 110 1.28 -8.87 -29.16
N GLY A 111 0.16 -9.58 -29.34
CA GLY A 111 -0.59 -10.29 -28.31
C GLY A 111 0.05 -10.76 -27.02
N GLN A 112 0.99 -9.98 -26.47
CA GLN A 112 1.52 -10.33 -25.17
C GLN A 112 0.44 -10.18 -24.11
N PRO A 113 0.56 -10.89 -23.00
CA PRO A 113 -0.50 -10.84 -21.99
C PRO A 113 -0.54 -9.49 -21.28
N LYS A 114 -1.76 -9.09 -20.92
CA LYS A 114 -1.92 -7.96 -20.02
C LYS A 114 -1.44 -8.35 -18.61
N ALA A 115 -1.11 -7.34 -17.82
CA ALA A 115 -0.61 -7.59 -16.47
C ALA A 115 -0.76 -6.32 -15.64
N ALA A 116 -1.43 -6.44 -14.50
CA ALA A 116 -1.68 -5.31 -13.61
C ALA A 116 -0.42 -4.96 -12.82
N PRO A 117 -0.25 -3.69 -12.44
CA PRO A 117 1.02 -3.26 -11.87
C PRO A 117 1.13 -3.55 -10.37
N SER A 118 2.38 -3.66 -9.94
CA SER A 118 2.74 -3.70 -8.54
C SER A 118 3.06 -2.28 -8.09
N VAL A 119 2.50 -1.86 -6.97
CA VAL A 119 2.65 -0.48 -6.50
C VAL A 119 3.23 -0.50 -5.09
N THR A 120 4.28 0.29 -4.89
CA THR A 120 4.96 0.38 -3.60
C THR A 120 5.25 1.84 -3.30
N LEU A 121 4.70 2.34 -2.20
CA LEU A 121 4.79 3.75 -1.83
C LEU A 121 5.75 3.93 -0.67
N PHE A 122 6.70 4.86 -0.82
CA PHE A 122 7.76 5.07 0.14
C PHE A 122 7.62 6.44 0.80
N PRO A 123 7.57 6.52 2.12
CA PRO A 123 7.48 7.83 2.79
C PRO A 123 8.85 8.47 2.91
N PRO A 124 8.92 9.75 3.28
CA PRO A 124 10.23 10.39 3.46
C PRO A 124 10.97 9.80 4.65
N SER A 125 12.29 9.66 4.50
CA SER A 125 13.13 9.10 5.54
C SER A 125 13.44 10.15 6.61
N SER A 126 13.93 9.66 7.76
CA SER A 126 14.36 10.57 8.81
C SER A 126 15.58 11.38 8.36
N GLU A 127 16.46 10.77 7.56
CA GLU A 127 17.62 11.50 7.03
C GLU A 127 17.17 12.72 6.22
N GLU A 128 16.24 12.52 5.28
CA GLU A 128 15.84 13.62 4.42
C GLU A 128 15.13 14.70 5.23
N LEU A 129 14.14 14.32 6.02
CA LEU A 129 13.42 15.29 6.85
C LEU A 129 14.38 16.06 7.75
N GLN A 130 15.47 15.42 8.18
CA GLN A 130 16.48 16.14 8.94
C GLN A 130 17.30 17.06 8.06
N ALA A 131 17.48 16.70 6.78
CA ALA A 131 18.03 17.63 5.81
C ALA A 131 17.01 18.65 5.34
N ASN A 132 15.86 18.69 6.03
CA ASN A 132 14.82 19.70 5.83
C ASN A 132 14.20 19.60 4.44
N LYS A 133 14.06 18.37 3.95
CA LYS A 133 13.40 18.10 2.68
C LYS A 133 12.57 16.83 2.83
N ALA A 134 11.64 16.61 1.89
CA ALA A 134 10.72 15.49 2.00
C ALA A 134 10.28 15.06 0.60
N THR A 135 10.51 13.79 0.28
CA THR A 135 10.16 13.23 -1.02
C THR A 135 9.45 11.90 -0.83
N LEU A 136 8.38 11.69 -1.59
CA LEU A 136 7.69 10.41 -1.66
C LEU A 136 7.89 9.81 -3.05
N VAL A 137 8.09 8.49 -3.09
CA VAL A 137 8.27 7.76 -4.35
C VAL A 137 7.17 6.71 -4.46
N CYS A 138 6.53 6.66 -5.63
CA CYS A 138 5.53 5.64 -5.95
C CYS A 138 6.13 4.73 -7.03
N LEU A 139 6.63 3.57 -6.60
CA LEU A 139 7.27 2.63 -7.50
C LEU A 139 6.21 1.78 -8.21
N ILE A 140 6.27 1.75 -9.54
CA ILE A 140 5.31 1.01 -10.36
C ILE A 140 6.10 0.08 -11.27
N SER A 141 5.79 -1.22 -11.21
CA SER A 141 6.58 -2.19 -11.97
C SER A 141 5.71 -3.35 -12.41
N ASP A 142 6.30 -4.18 -13.28
CA ASP A 142 5.75 -5.49 -13.66
C ASP A 142 4.40 -5.39 -14.37
N PHE A 143 4.16 -4.32 -15.13
CA PHE A 143 2.88 -4.19 -15.81
C PHE A 143 3.06 -4.18 -17.33
N TYR A 144 1.99 -4.54 -18.03
CA TYR A 144 1.92 -4.56 -19.48
C TYR A 144 0.46 -4.44 -19.88
N PRO A 145 0.15 -3.58 -20.86
CA PRO A 145 1.04 -2.72 -21.66
C PRO A 145 1.66 -1.56 -20.87
N GLY A 146 2.59 -0.86 -21.50
CA GLY A 146 3.36 0.17 -20.83
C GLY A 146 2.70 1.53 -20.79
N ALA A 147 1.50 1.62 -20.23
CA ALA A 147 0.80 2.88 -20.10
C ALA A 147 0.07 2.92 -18.76
N VAL A 148 0.27 4.00 -18.01
CA VAL A 148 -0.41 4.23 -16.74
C VAL A 148 -0.65 5.73 -16.58
N THR A 149 -1.54 6.06 -15.64
CA THR A 149 -1.73 7.43 -15.20
C THR A 149 -1.70 7.45 -13.68
N VAL A 150 -1.19 8.54 -13.12
CA VAL A 150 -0.96 8.65 -11.68
C VAL A 150 -1.64 9.90 -11.16
N ALA A 151 -2.36 9.76 -10.06
CA ALA A 151 -2.90 10.89 -9.32
C ALA A 151 -2.46 10.77 -7.87
N TRP A 152 -2.20 11.91 -7.25
CA TRP A 152 -1.85 11.94 -5.83
C TRP A 152 -2.98 12.58 -5.03
N LYS A 153 -2.91 12.40 -3.73
CA LYS A 153 -3.94 12.84 -2.80
C LYS A 153 -3.28 13.24 -1.49
N ALA A 154 -3.64 14.43 -0.99
CA ALA A 154 -3.29 14.85 0.35
C ALA A 154 -4.54 14.70 1.21
N ASP A 155 -4.44 13.93 2.29
CA ASP A 155 -5.62 13.40 2.93
C ASP A 155 -6.50 12.76 1.86
N SER A 156 -7.73 13.26 1.69
CA SER A 156 -8.60 12.79 0.62
C SER A 156 -8.68 13.77 -0.55
N SER A 157 -7.87 14.83 -0.54
CA SER A 157 -8.01 15.88 -1.54
C SER A 157 -6.91 15.77 -2.60
N PRO A 158 -7.20 16.24 -3.82
CA PRO A 158 -6.20 16.18 -4.88
C PRO A 158 -4.93 16.94 -4.55
N VAL A 159 -3.82 16.43 -5.05
CA VAL A 159 -2.52 17.10 -5.00
C VAL A 159 -2.18 17.54 -6.42
N LYS A 160 -2.09 18.85 -6.63
CA LYS A 160 -1.96 19.43 -7.96
C LYS A 160 -0.59 20.02 -8.23
N ALA A 161 0.36 19.91 -7.31
CA ALA A 161 1.66 20.56 -7.45
C ALA A 161 2.78 19.61 -7.05
N GLY A 162 3.88 19.66 -7.80
CA GLY A 162 5.10 18.98 -7.41
C GLY A 162 5.18 17.53 -7.82
N VAL A 163 4.44 17.11 -8.84
CA VAL A 163 4.42 15.72 -9.29
C VAL A 163 5.27 15.58 -10.54
N GLU A 164 6.01 14.49 -10.61
CA GLU A 164 6.68 14.06 -11.83
C GLU A 164 6.51 12.55 -11.96
N THR A 165 6.21 12.10 -13.18
CA THR A 165 6.08 10.68 -13.47
C THR A 165 6.92 10.36 -14.70
N THR A 166 7.85 9.42 -14.54
CA THR A 166 8.74 9.07 -15.63
C THR A 166 8.00 8.25 -16.69
N THR A 167 8.59 8.21 -17.88
CA THR A 167 8.05 7.38 -18.95
C THR A 167 8.38 5.92 -18.65
N PRO A 168 7.40 5.01 -18.76
CA PRO A 168 7.68 3.61 -18.44
C PRO A 168 8.63 2.99 -19.45
N SER A 169 9.60 2.23 -18.94
CA SER A 169 10.59 1.56 -19.77
C SER A 169 10.55 0.07 -19.49
N LYS A 170 10.74 -0.73 -20.54
CA LYS A 170 10.70 -2.18 -20.40
C LYS A 170 11.95 -2.66 -19.68
N GLN A 171 11.78 -3.71 -18.87
CA GLN A 171 12.84 -4.20 -18.02
C GLN A 171 13.11 -5.68 -18.35
N SER A 172 14.01 -6.28 -17.57
CA SER A 172 14.48 -7.64 -17.85
C SER A 172 13.34 -8.64 -18.02
N ASN A 173 12.36 -8.59 -17.12
CA ASN A 173 11.25 -9.54 -17.15
C ASN A 173 10.24 -9.26 -18.25
N ASN A 174 10.60 -8.40 -19.19
CA ASN A 174 9.77 -8.04 -20.34
C ASN A 174 8.49 -7.32 -19.94
N LYS A 175 8.44 -6.77 -18.73
CA LYS A 175 7.32 -5.94 -18.28
C LYS A 175 7.84 -4.58 -17.85
N TYR A 176 6.94 -3.59 -17.90
CA TYR A 176 7.33 -2.20 -17.77
C TYR A 176 7.45 -1.76 -16.31
N ALA A 177 8.25 -0.71 -16.10
CA ALA A 177 8.42 -0.08 -14.80
C ALA A 177 8.54 1.42 -14.98
N ALA A 178 7.87 2.16 -14.09
CA ALA A 178 7.98 3.61 -14.03
C ALA A 178 7.93 4.01 -12.56
N SER A 179 8.09 5.30 -12.29
CA SER A 179 7.96 5.79 -10.92
C SER A 179 7.49 7.23 -10.93
N SER A 180 6.69 7.58 -9.93
CA SER A 180 6.19 8.93 -9.73
C SER A 180 6.67 9.43 -8.37
N TYR A 181 7.18 10.65 -8.33
CA TYR A 181 7.67 11.21 -7.08
C TYR A 181 7.02 12.56 -6.81
N LEU A 182 6.97 12.91 -5.53
CA LEU A 182 6.30 14.11 -5.04
C LEU A 182 7.17 14.80 -4.02
N SER A 183 7.40 16.11 -4.20
CA SER A 183 8.27 16.89 -3.34
C SER A 183 7.44 17.79 -2.44
N LEU A 184 7.71 17.75 -1.14
CA LEU A 184 7.00 18.56 -0.16
C LEU A 184 8.01 19.13 0.84
N THR A 185 7.59 20.17 1.55
CA THR A 185 8.33 20.55 2.74
C THR A 185 8.02 19.55 3.85
N PRO A 186 8.94 19.38 4.81
CA PRO A 186 8.62 18.53 5.97
C PRO A 186 7.34 18.95 6.67
N GLU A 187 7.09 20.26 6.72
CA GLU A 187 5.93 20.80 7.41
C GLU A 187 4.62 20.40 6.73
N GLN A 188 4.62 20.26 5.39
CA GLN A 188 3.42 19.74 4.73
C GLN A 188 3.21 18.26 5.02
N TRP A 189 4.29 17.47 4.96
CA TRP A 189 4.16 16.03 5.13
C TRP A 189 3.66 15.65 6.51
N LYS A 190 3.89 16.50 7.50
CA LYS A 190 3.37 16.29 8.83
C LYS A 190 2.03 16.98 9.04
N SER A 191 1.79 18.11 8.38
CA SER A 191 0.51 18.79 8.55
C SER A 191 -0.67 17.95 8.09
N HIS A 192 -0.42 16.95 7.25
CA HIS A 192 -1.48 16.06 6.78
C HIS A 192 -1.46 14.74 7.54
N LYS A 193 -2.55 13.99 7.41
CA LYS A 193 -2.68 12.70 8.06
C LYS A 193 -2.11 11.57 7.21
N SER A 194 -2.20 11.68 5.88
CA SER A 194 -1.65 10.68 4.99
C SER A 194 -1.51 11.27 3.59
N TYR A 195 -0.73 10.59 2.77
CA TYR A 195 -0.72 10.81 1.33
C TYR A 195 -1.01 9.51 0.61
N SER A 196 -1.54 9.62 -0.61
CA SER A 196 -1.94 8.44 -1.37
C SER A 196 -1.48 8.57 -2.81
N CYS A 197 -1.08 7.44 -3.39
CA CYS A 197 -0.71 7.32 -4.80
C CYS A 197 -1.71 6.39 -5.47
N GLN A 198 -2.30 6.83 -6.57
CA GLN A 198 -3.32 6.07 -7.29
C GLN A 198 -2.86 5.84 -8.73
N VAL A 199 -2.72 4.58 -9.10
CA VAL A 199 -2.21 4.19 -10.41
C VAL A 199 -3.35 3.54 -11.18
N THR A 200 -3.73 4.14 -12.30
CA THR A 200 -4.75 3.59 -13.18
C THR A 200 -4.07 2.89 -14.35
N HIS A 201 -4.39 1.61 -14.52
CA HIS A 201 -3.83 0.80 -15.61
C HIS A 201 -4.96 -0.02 -16.20
N GLU A 202 -5.27 0.26 -17.47
CA GLU A 202 -6.34 -0.42 -18.21
C GLU A 202 -7.69 -0.28 -17.49
N GLY A 203 -8.04 0.97 -17.16
CA GLY A 203 -9.30 1.27 -16.51
C GLY A 203 -9.49 0.59 -15.16
N SER A 204 -8.41 0.18 -14.51
CA SER A 204 -8.46 -0.41 -13.18
C SER A 204 -7.41 0.27 -12.31
N THR A 205 -7.82 0.70 -11.13
CA THR A 205 -7.00 1.56 -10.29
C THR A 205 -6.49 0.81 -9.07
N VAL A 206 -5.28 1.17 -8.63
CA VAL A 206 -4.65 0.67 -7.42
C VAL A 206 -4.20 1.86 -6.60
N GLU A 207 -4.53 1.85 -5.31
CA GLU A 207 -4.25 2.97 -4.41
C GLU A 207 -3.42 2.50 -3.23
N LYS A 208 -2.40 3.28 -2.88
CA LYS A 208 -1.56 3.01 -1.71
C LYS A 208 -1.46 4.26 -0.85
N THR A 209 -1.41 4.07 0.46
CA THR A 209 -1.46 5.15 1.43
C THR A 209 -0.32 4.99 2.43
N VAL A 210 0.35 6.09 2.76
CA VAL A 210 1.36 6.12 3.81
C VAL A 210 1.10 7.30 4.73
N ALA A 211 1.66 7.21 5.93
CA ALA A 211 1.41 8.18 6.97
C ALA A 211 2.69 8.39 7.78
N PRO A 212 2.78 9.49 8.55
CA PRO A 212 3.90 9.67 9.47
C PRO A 212 3.82 8.71 10.66
N LEU B 4 34.99 -5.99 -24.20
CA LEU B 4 35.55 -4.68 -24.50
C LEU B 4 34.95 -3.59 -23.62
N THR B 5 35.67 -3.22 -22.57
CA THR B 5 35.17 -2.16 -21.69
C THR B 5 35.17 -0.84 -22.42
N GLN B 6 34.12 -0.06 -22.20
CA GLN B 6 33.91 1.19 -22.93
C GLN B 6 33.06 2.11 -22.06
N PRO B 7 33.54 3.31 -21.74
CA PRO B 7 32.84 4.19 -20.80
C PRO B 7 31.38 4.40 -21.20
N PRO B 8 30.49 4.50 -20.22
CA PRO B 8 29.05 4.55 -20.56
C PRO B 8 28.62 5.82 -21.30
N SER B 9 29.23 6.97 -21.01
CA SER B 9 28.74 8.21 -21.59
C SER B 9 29.84 9.26 -21.57
N THR B 10 29.73 10.21 -22.50
CA THR B 10 30.69 11.32 -22.59
C THR B 10 29.99 12.48 -23.29
N SER B 11 30.64 13.65 -23.27
CA SER B 11 29.96 14.87 -23.63
C SER B 11 30.96 15.96 -24.04
N GLY B 12 30.48 16.89 -24.85
CA GLY B 12 31.27 18.04 -25.26
C GLY B 12 30.38 19.09 -25.91
N THR B 13 30.94 20.30 -26.04
CA THR B 13 30.23 21.38 -26.70
C THR B 13 30.75 21.58 -28.12
N PRO B 14 29.94 22.21 -29.01
CA PRO B 14 30.37 22.40 -30.41
C PRO B 14 31.80 22.90 -30.57
N GLY B 15 32.55 22.29 -31.49
CA GLY B 15 33.89 22.74 -31.82
C GLY B 15 35.00 22.13 -31.00
N GLN B 16 34.69 21.46 -29.89
CA GLN B 16 35.71 20.86 -29.06
C GLN B 16 36.25 19.58 -29.68
N ARG B 17 37.38 19.11 -29.17
CA ARG B 17 37.88 17.78 -29.47
C ARG B 17 37.40 16.83 -28.38
N VAL B 18 36.62 15.83 -28.77
CA VAL B 18 36.10 14.83 -27.86
C VAL B 18 36.71 13.48 -28.24
N THR B 19 37.05 12.69 -27.23
CA THR B 19 37.62 11.37 -27.44
C THR B 19 36.76 10.30 -26.77
N ILE B 20 36.83 9.09 -27.31
CA ILE B 20 36.09 7.95 -26.78
C ILE B 20 37.07 6.79 -26.62
N SER B 21 37.07 6.18 -25.44
CA SER B 21 38.03 5.14 -25.11
C SER B 21 37.41 3.76 -25.25
N CYS B 22 38.28 2.74 -25.22
CA CYS B 22 37.92 1.35 -25.41
C CYS B 22 39.14 0.51 -25.03
N SER B 23 38.98 -0.44 -24.11
CA SER B 23 40.10 -1.22 -23.63
C SER B 23 39.68 -2.67 -23.48
N GLY B 24 40.69 -3.55 -23.44
CA GLY B 24 40.46 -4.96 -23.24
C GLY B 24 41.68 -5.68 -22.72
N ILE B 29 43.13 -8.08 -27.44
CA ILE B 29 43.01 -6.87 -28.24
C ILE B 29 44.42 -6.31 -28.45
N GLU B 30 45.41 -6.98 -27.88
CA GLU B 30 46.80 -6.65 -28.14
C GLU B 30 47.31 -7.27 -29.43
N THR B 31 46.69 -8.37 -29.88
CA THR B 31 47.10 -9.05 -31.10
C THR B 31 45.95 -9.07 -32.12
N ASN B 32 45.24 -7.95 -32.23
CA ASN B 32 44.05 -7.87 -33.08
C ASN B 32 43.60 -6.42 -33.16
N THR B 33 43.04 -6.03 -34.31
CA THR B 33 42.71 -4.64 -34.57
C THR B 33 41.29 -4.33 -34.11
N VAL B 34 40.94 -3.04 -34.16
CA VAL B 34 39.69 -2.52 -33.61
C VAL B 34 38.96 -1.72 -34.68
N ASN B 35 37.64 -1.91 -34.76
CA ASN B 35 36.78 -1.10 -35.60
C ASN B 35 35.89 -0.22 -34.73
N TRP B 36 35.41 0.87 -35.32
CA TRP B 36 34.52 1.82 -34.63
C TRP B 36 33.27 2.03 -35.47
N TYR B 37 32.10 1.99 -34.82
CA TYR B 37 30.82 2.14 -35.50
C TYR B 37 30.07 3.34 -34.95
N GLN B 38 29.48 4.11 -35.87
CA GLN B 38 28.63 5.24 -35.52
C GLN B 38 27.18 4.87 -35.78
N GLN B 39 26.31 5.16 -34.82
CA GLN B 39 24.88 4.86 -34.96
C GLN B 39 24.09 6.08 -34.47
N LEU B 40 23.67 6.92 -35.42
CA LEU B 40 22.73 7.99 -35.12
C LEU B 40 21.38 7.38 -34.74
N PRO B 41 20.54 8.14 -34.02
CA PRO B 41 19.24 7.61 -33.62
C PRO B 41 18.45 7.09 -34.80
N GLY B 42 17.85 5.90 -34.63
CA GLY B 42 16.98 5.33 -35.65
C GLY B 42 17.66 4.82 -36.88
N THR B 43 18.99 4.77 -36.92
CA THR B 43 19.71 4.31 -38.10
C THR B 43 20.51 3.06 -37.76
N ALA B 44 20.96 2.38 -38.81
CA ALA B 44 21.82 1.22 -38.67
C ALA B 44 23.24 1.65 -38.34
N PRO B 45 24.01 0.82 -37.63
CA PRO B 45 25.40 1.17 -37.35
C PRO B 45 26.18 1.37 -38.64
N LYS B 46 27.03 2.39 -38.64
CA LYS B 46 27.86 2.72 -39.79
C LYS B 46 29.33 2.63 -39.42
N LEU B 47 30.11 2.02 -40.31
CA LEU B 47 31.55 1.91 -40.10
C LEU B 47 32.20 3.28 -40.25
N VAL B 48 32.91 3.72 -39.22
CA VAL B 48 33.63 4.99 -39.25
C VAL B 48 35.14 4.81 -39.11
N MET B 49 35.61 3.63 -38.70
CA MET B 49 37.03 3.40 -38.53
C MET B 49 37.28 1.90 -38.51
N HIS B 50 38.25 1.43 -39.29
CA HIS B 50 38.67 0.04 -39.27
C HIS B 50 40.19 -0.04 -39.18
N THR B 51 40.68 -1.22 -38.82
CA THR B 51 42.10 -1.50 -38.66
C THR B 51 42.81 -0.37 -37.90
N ASN B 52 42.31 -0.14 -36.68
CA ASN B 52 42.81 0.89 -35.77
C ASN B 52 42.56 2.30 -36.26
N ASN B 53 42.99 2.63 -37.50
CA ASN B 53 43.04 4.05 -37.90
C ASN B 53 42.71 4.28 -39.37
N GLN B 54 41.90 3.43 -39.99
CA GLN B 54 41.64 3.52 -41.43
C GLN B 54 40.22 4.04 -41.65
N ARG B 55 40.11 5.32 -41.98
CA ARG B 55 38.83 5.96 -42.25
C ARG B 55 38.19 5.38 -43.51
N PRO B 56 36.97 4.84 -43.43
CA PRO B 56 36.22 4.54 -44.65
C PRO B 56 36.00 5.79 -45.50
N SER B 57 35.42 5.57 -46.68
CA SER B 57 35.44 6.56 -47.75
C SER B 57 34.89 7.91 -47.30
N GLY B 58 33.64 7.95 -46.87
CA GLY B 58 32.96 9.21 -46.63
C GLY B 58 32.97 9.73 -45.21
N VAL B 59 33.98 9.34 -44.43
CA VAL B 59 34.12 9.81 -43.05
C VAL B 59 35.02 11.05 -43.05
N PRO B 60 34.67 12.11 -42.33
CA PRO B 60 35.49 13.32 -42.35
C PRO B 60 36.86 13.11 -41.72
N ASP B 61 37.81 13.94 -42.15
CA ASP B 61 39.20 13.83 -41.70
C ASP B 61 39.32 13.90 -40.18
N ARG B 62 38.39 14.59 -39.53
CA ARG B 62 38.54 14.89 -38.10
C ARG B 62 38.40 13.67 -37.21
N PHE B 63 37.82 12.57 -37.71
CA PHE B 63 37.82 11.31 -36.99
C PHE B 63 39.19 10.65 -37.14
N SER B 64 39.81 10.29 -36.02
CA SER B 64 41.09 9.60 -36.05
C SER B 64 41.14 8.54 -34.97
N GLY B 65 41.42 7.31 -35.37
CA GLY B 65 41.54 6.19 -34.45
C GLY B 65 43.00 5.93 -34.09
N SER B 66 43.21 5.44 -32.88
CA SER B 66 44.54 5.07 -32.42
C SER B 66 44.43 3.87 -31.52
N ARG B 67 45.57 3.30 -31.17
CA ARG B 67 45.59 2.20 -30.22
C ARG B 67 46.92 2.13 -29.51
N SER B 68 46.90 2.23 -28.19
CA SER B 68 48.09 2.22 -27.37
C SER B 68 48.02 1.04 -26.41
N GLY B 69 48.97 0.13 -26.55
CA GLY B 69 48.95 -1.06 -25.71
C GLY B 69 47.75 -1.92 -26.02
N THR B 70 46.98 -2.27 -24.99
CA THR B 70 45.75 -3.04 -25.13
C THR B 70 44.52 -2.17 -24.90
N SER B 71 44.59 -0.93 -25.39
CA SER B 71 43.47 0.01 -25.32
C SER B 71 43.38 0.74 -26.65
N ALA B 72 42.19 1.26 -26.95
CA ALA B 72 41.94 1.95 -28.21
C ALA B 72 41.22 3.26 -27.95
N SER B 73 41.19 4.12 -28.98
CA SER B 73 40.60 5.44 -28.83
C SER B 73 40.13 5.95 -30.18
N LEU B 74 39.06 6.74 -30.14
CA LEU B 74 38.55 7.47 -31.31
C LEU B 74 38.39 8.93 -30.91
N ALA B 75 39.11 9.82 -31.60
CA ALA B 75 39.03 11.24 -31.33
C ALA B 75 38.18 11.93 -32.39
N ILE B 76 37.36 12.86 -31.96
CA ILE B 76 36.43 13.57 -32.84
C ILE B 76 36.74 15.06 -32.72
N GLY B 77 37.48 15.58 -33.69
CA GLY B 77 37.80 16.99 -33.68
C GLY B 77 36.71 17.84 -34.32
N GLY B 78 36.62 19.09 -33.88
CA GLY B 78 35.60 20.00 -34.37
C GLY B 78 34.20 19.46 -34.17
N LEU B 79 33.85 19.15 -32.93
CA LEU B 79 32.58 18.51 -32.61
C LEU B 79 31.42 19.30 -33.20
N GLN B 80 30.58 18.60 -33.95
CA GLN B 80 29.45 19.18 -34.66
C GLN B 80 28.18 18.45 -34.26
N SER B 81 27.05 19.16 -34.27
CA SER B 81 25.81 18.62 -33.71
C SER B 81 25.38 17.34 -34.40
N GLU B 82 25.74 17.15 -35.67
CA GLU B 82 25.38 15.92 -36.36
C GLU B 82 26.20 14.72 -35.92
N ASP B 83 27.05 14.87 -34.91
CA ASP B 83 27.85 13.77 -34.38
C ASP B 83 27.28 13.16 -33.12
N GLU B 84 26.23 13.75 -32.54
CA GLU B 84 25.60 13.14 -31.38
C GLU B 84 25.03 11.78 -31.76
N ALA B 85 25.54 10.73 -31.13
CA ALA B 85 25.21 9.36 -31.52
C ALA B 85 25.78 8.40 -30.47
N ASP B 86 25.63 7.11 -30.75
CA ASP B 86 26.30 6.04 -30.01
C ASP B 86 27.50 5.58 -30.82
N TYR B 87 28.60 5.28 -30.13
CA TYR B 87 29.84 4.86 -30.77
C TYR B 87 30.30 3.55 -30.16
N PHE B 88 30.49 2.54 -31.01
CA PHE B 88 30.83 1.19 -30.60
C PHE B 88 32.22 0.82 -31.11
N CYS B 89 33.04 0.23 -30.25
CA CYS B 89 34.26 -0.44 -30.67
C CYS B 89 34.02 -1.94 -30.72
N ALA B 90 34.66 -2.61 -31.67
CA ALA B 90 34.40 -4.02 -31.95
C ALA B 90 35.69 -4.72 -32.32
N ALA B 91 36.17 -5.59 -31.44
CA ALA B 91 37.40 -6.35 -31.65
C ALA B 91 37.11 -7.83 -31.48
N TRP B 92 38.12 -8.65 -31.76
CA TRP B 92 37.98 -10.09 -31.92
C TRP B 92 38.59 -10.81 -30.72
N ASP B 93 37.76 -11.59 -30.02
CA ASP B 93 38.19 -12.43 -28.90
C ASP B 93 38.87 -11.66 -27.77
N PHE B 101 32.47 -6.69 -29.39
CA PHE B 101 31.64 -5.49 -29.38
C PHE B 101 31.58 -4.85 -28.00
N GLY B 102 32.12 -3.64 -27.90
CA GLY B 102 32.06 -2.92 -26.64
C GLY B 102 30.63 -2.55 -26.27
N GLY B 103 30.46 -2.20 -24.99
CA GLY B 103 29.16 -1.80 -24.49
C GLY B 103 28.64 -0.52 -25.10
N GLY B 104 29.52 0.32 -25.63
CA GLY B 104 29.12 1.55 -26.29
C GLY B 104 29.37 2.77 -25.44
N THR B 105 29.39 3.93 -26.10
CA THR B 105 29.50 5.22 -25.45
C THR B 105 28.45 6.16 -26.02
N LYS B 106 27.63 6.72 -25.14
CA LYS B 106 26.68 7.75 -25.56
C LYS B 106 27.37 9.10 -25.57
N LEU B 107 27.46 9.71 -26.74
CA LEU B 107 28.13 11.00 -26.92
C LEU B 107 27.08 12.09 -27.11
N THR B 108 27.12 13.09 -26.25
CA THR B 108 26.12 14.16 -26.25
C THR B 108 26.79 15.49 -26.53
N VAL B 109 26.24 16.23 -27.50
CA VAL B 109 26.69 17.59 -27.80
C VAL B 109 25.83 18.53 -26.96
N LEU B 110 26.39 19.01 -25.85
CA LEU B 110 25.68 19.75 -24.82
C LEU B 110 24.71 20.78 -25.39
N GLY B 111 23.42 20.60 -25.11
CA GLY B 111 22.38 21.52 -25.51
C GLY B 111 21.85 22.41 -24.41
N GLN B 112 22.39 22.29 -23.20
CA GLN B 112 21.99 23.06 -22.03
C GLN B 112 23.07 22.85 -20.96
N PRO B 113 23.08 23.60 -19.87
CA PRO B 113 24.14 23.41 -18.87
C PRO B 113 24.07 22.03 -18.23
N LYS B 114 25.23 21.42 -18.04
CA LYS B 114 25.31 20.14 -17.35
C LYS B 114 24.77 20.28 -15.93
N ALA B 115 24.15 19.20 -15.45
CA ALA B 115 23.58 19.19 -14.10
C ALA B 115 23.74 17.80 -13.52
N ALA B 116 24.22 17.73 -12.26
CA ALA B 116 24.51 16.49 -11.54
C ALA B 116 23.28 16.00 -10.78
N PRO B 117 23.10 14.69 -10.70
CA PRO B 117 21.82 14.14 -10.22
C PRO B 117 21.63 14.26 -8.72
N SER B 118 20.40 14.60 -8.33
CA SER B 118 19.96 14.41 -6.96
C SER B 118 19.70 12.93 -6.72
N VAL B 119 20.24 12.40 -5.63
CA VAL B 119 20.18 10.97 -5.33
C VAL B 119 19.56 10.80 -3.95
N THR B 120 18.44 10.09 -3.88
CA THR B 120 17.67 9.92 -2.65
C THR B 120 17.35 8.44 -2.47
N LEU B 121 17.76 7.89 -1.33
CA LEU B 121 17.67 6.46 -1.07
C LEU B 121 16.64 6.18 0.02
N PHE B 122 15.83 5.15 -0.20
CA PHE B 122 14.69 4.84 0.66
C PHE B 122 14.83 3.45 1.26
N PRO B 123 14.58 3.27 2.56
CA PRO B 123 14.49 1.93 3.13
C PRO B 123 13.15 1.31 2.80
N PRO B 124 13.00 -0.01 2.98
CA PRO B 124 11.76 -0.68 2.54
C PRO B 124 10.55 -0.15 3.30
N SER B 125 9.40 -0.17 2.61
CA SER B 125 8.18 0.37 3.18
C SER B 125 7.58 -0.57 4.21
N SER B 126 6.81 0.00 5.13
CA SER B 126 6.22 -0.80 6.21
C SER B 126 5.22 -1.81 5.67
N GLU B 127 4.46 -1.44 4.63
CA GLU B 127 3.39 -2.30 4.15
C GLU B 127 3.91 -3.53 3.41
N GLU B 128 5.00 -3.38 2.65
CA GLU B 128 5.47 -4.49 1.83
C GLU B 128 6.21 -5.55 2.64
N LEU B 129 6.72 -5.21 3.82
CA LEU B 129 7.35 -6.22 4.66
C LEU B 129 6.33 -7.26 5.13
N GLN B 130 5.11 -6.81 5.42
CA GLN B 130 4.03 -7.70 5.87
C GLN B 130 3.58 -8.60 4.74
N ALA B 131 4.21 -8.45 3.58
CA ALA B 131 3.96 -9.32 2.43
C ALA B 131 5.21 -10.09 2.01
N ASN B 132 6.21 -10.16 2.91
CA ASN B 132 7.47 -10.89 2.70
C ASN B 132 8.36 -10.24 1.65
N LYS B 133 8.11 -8.99 1.29
CA LYS B 133 8.92 -8.28 0.32
C LYS B 133 9.66 -7.13 0.98
N ALA B 134 10.88 -6.87 0.49
CA ALA B 134 11.72 -5.78 0.99
C ALA B 134 12.47 -5.19 -0.20
N THR B 135 12.01 -4.05 -0.70
CA THR B 135 12.58 -3.41 -1.87
C THR B 135 13.12 -2.05 -1.52
N LEU B 136 14.34 -1.76 -1.99
CA LEU B 136 14.96 -0.46 -1.87
C LEU B 136 14.77 0.32 -3.17
N VAL B 137 14.63 1.64 -3.04
CA VAL B 137 14.54 2.53 -4.20
C VAL B 137 15.58 3.63 -4.09
N CYS B 138 16.31 3.85 -5.18
CA CYS B 138 17.29 4.92 -5.28
C CYS B 138 16.77 5.89 -6.34
N LEU B 139 16.22 7.01 -5.91
CA LEU B 139 15.64 7.98 -6.82
C LEU B 139 16.73 8.90 -7.38
N ILE B 140 16.68 9.14 -8.69
CA ILE B 140 17.73 9.87 -9.40
C ILE B 140 17.05 10.93 -10.28
N SER B 141 17.29 12.20 -9.96
CA SER B 141 16.59 13.29 -10.65
C SER B 141 17.53 14.47 -10.89
N ASP B 142 17.08 15.36 -11.78
CA ASP B 142 17.70 16.67 -12.01
C ASP B 142 19.10 16.56 -12.62
N PHE B 143 19.28 15.70 -13.62
CA PHE B 143 20.60 15.56 -14.22
C PHE B 143 20.54 15.74 -15.73
N TYR B 144 21.64 16.26 -16.27
CA TYR B 144 21.85 16.41 -17.71
C TYR B 144 23.35 16.33 -18.02
N PRO B 145 23.73 15.61 -19.09
CA PRO B 145 22.89 14.82 -20.01
C PRO B 145 22.19 13.63 -19.35
N GLY B 146 21.23 13.04 -20.05
CA GLY B 146 20.42 11.99 -19.49
C GLY B 146 20.99 10.59 -19.65
N ALA B 147 22.09 10.31 -18.96
CA ALA B 147 22.68 8.98 -18.93
C ALA B 147 23.41 8.80 -17.61
N VAL B 148 23.08 7.72 -16.90
CA VAL B 148 23.72 7.38 -15.64
C VAL B 148 23.94 5.87 -15.59
N THR B 149 24.80 5.44 -14.67
CA THR B 149 24.96 4.04 -14.31
C THR B 149 24.90 3.92 -12.80
N VAL B 150 24.30 2.83 -12.33
CA VAL B 150 24.04 2.63 -10.91
C VAL B 150 24.76 1.37 -10.43
N ALA B 151 25.38 1.47 -9.26
CA ALA B 151 26.05 0.33 -8.64
C ALA B 151 25.54 0.21 -7.21
N TRP B 152 24.94 -0.93 -6.89
CA TRP B 152 24.50 -1.25 -5.54
C TRP B 152 25.56 -2.08 -4.83
N LYS B 153 25.64 -1.91 -3.51
CA LYS B 153 26.57 -2.67 -2.68
C LYS B 153 25.91 -3.02 -1.36
N ALA B 154 26.04 -4.28 -0.94
CA ALA B 154 25.56 -4.74 0.36
C ALA B 154 26.71 -4.69 1.36
N ASP B 155 26.50 -3.98 2.47
CA ASP B 155 27.58 -3.64 3.39
C ASP B 155 28.72 -3.01 2.60
N SER B 156 29.72 -3.80 2.23
CA SER B 156 30.81 -3.34 1.38
C SER B 156 31.00 -4.24 0.16
N SER B 157 30.00 -5.05 -0.18
CA SER B 157 30.15 -6.04 -1.24
C SER B 157 29.24 -5.74 -2.42
N PRO B 158 29.72 -5.89 -3.65
CA PRO B 158 28.87 -5.65 -4.82
C PRO B 158 27.62 -6.54 -4.85
N VAL B 159 26.52 -5.97 -5.34
CA VAL B 159 25.24 -6.67 -5.46
C VAL B 159 24.68 -6.39 -6.84
N LYS B 160 24.47 -7.45 -7.64
CA LYS B 160 23.68 -7.31 -8.85
C LYS B 160 22.41 -8.16 -8.83
N ALA B 161 22.28 -9.11 -7.90
CA ALA B 161 21.07 -9.94 -7.86
C ALA B 161 19.83 -9.12 -7.53
N GLY B 162 18.98 -8.90 -8.53
CA GLY B 162 17.72 -8.21 -8.30
C GLY B 162 17.76 -6.71 -8.49
N VAL B 163 18.60 -6.20 -9.37
CA VAL B 163 18.74 -4.76 -9.61
C VAL B 163 18.10 -4.43 -10.96
N GLU B 164 17.20 -3.45 -10.94
CA GLU B 164 16.50 -2.99 -12.14
C GLU B 164 16.53 -1.48 -12.19
N THR B 165 16.92 -0.93 -13.35
CA THR B 165 17.08 0.52 -13.51
C THR B 165 16.24 0.99 -14.70
N THR B 166 15.45 2.03 -14.48
CA THR B 166 14.57 2.57 -15.51
C THR B 166 15.35 3.49 -16.46
N THR B 167 14.87 3.54 -17.75
CA THR B 167 15.65 4.39 -18.65
C THR B 167 15.19 5.84 -18.55
N PRO B 168 16.13 6.78 -18.50
CA PRO B 168 15.79 8.15 -18.11
C PRO B 168 14.91 8.86 -19.13
N SER B 169 14.03 9.73 -18.62
CA SER B 169 13.08 10.47 -19.43
C SER B 169 13.04 11.93 -18.98
N LYS B 170 12.80 12.82 -19.93
CA LYS B 170 12.84 14.25 -19.66
C LYS B 170 11.61 14.67 -18.88
N GLN B 171 11.83 15.30 -17.73
CA GLN B 171 10.74 15.80 -16.91
C GLN B 171 10.47 17.27 -17.25
N SER B 172 9.71 17.97 -16.40
CA SER B 172 9.19 19.28 -16.78
C SER B 172 10.20 20.41 -16.64
N ASN B 173 11.29 20.23 -15.88
CA ASN B 173 12.36 21.22 -15.87
C ASN B 173 13.37 20.98 -16.98
N ASN B 174 13.03 20.14 -17.95
CA ASN B 174 13.88 19.76 -19.08
C ASN B 174 15.13 19.01 -18.65
N LYS B 175 15.23 18.64 -17.38
CA LYS B 175 16.25 17.72 -16.89
C LYS B 175 15.66 16.32 -16.81
N TYR B 176 16.54 15.34 -16.66
CA TYR B 176 16.14 13.94 -16.73
C TYR B 176 15.98 13.32 -15.35
N ALA B 177 15.25 12.20 -15.31
CA ALA B 177 14.97 11.49 -14.07
C ALA B 177 14.87 10.00 -14.34
N ALA B 178 15.16 9.21 -13.31
CA ALA B 178 15.12 7.75 -13.38
C ALA B 178 15.17 7.23 -11.96
N SER B 179 15.07 5.90 -11.81
CA SER B 179 15.16 5.27 -10.50
C SER B 179 15.62 3.84 -10.67
N SER B 180 16.49 3.41 -9.76
CA SER B 180 16.94 2.03 -9.66
C SER B 180 16.33 1.41 -8.42
N TYR B 181 15.95 0.13 -8.50
CA TYR B 181 15.34 -0.52 -7.35
C TYR B 181 15.88 -1.94 -7.18
N LEU B 182 16.05 -2.33 -5.91
CA LEU B 182 16.68 -3.59 -5.53
C LEU B 182 15.65 -4.46 -4.82
N SER B 183 15.41 -5.65 -5.35
CA SER B 183 14.44 -6.58 -4.78
C SER B 183 15.14 -7.53 -3.81
N LEU B 184 14.73 -7.51 -2.54
CA LEU B 184 15.34 -8.32 -1.51
C LEU B 184 14.26 -8.98 -0.66
N THR B 185 14.65 -10.06 0.01
CA THR B 185 13.81 -10.59 1.07
C THR B 185 14.12 -9.86 2.38
N PRO B 186 13.20 -9.90 3.36
CA PRO B 186 13.48 -9.25 4.64
C PRO B 186 14.67 -9.84 5.40
N GLU B 187 15.05 -11.09 5.14
CA GLU B 187 16.21 -11.67 5.81
C GLU B 187 17.51 -11.09 5.25
N GLN B 188 17.60 -10.96 3.93
CA GLN B 188 18.74 -10.23 3.35
C GLN B 188 18.83 -8.82 3.91
N TRP B 189 17.68 -8.15 4.03
CA TRP B 189 17.66 -6.76 4.46
C TRP B 189 18.08 -6.59 5.91
N LYS B 190 17.85 -7.61 6.75
CA LYS B 190 18.18 -7.52 8.17
C LYS B 190 19.53 -8.12 8.52
N SER B 191 20.17 -8.86 7.61
CA SER B 191 21.46 -9.45 7.91
C SER B 191 22.60 -8.45 7.73
N HIS B 192 22.49 -7.58 6.73
CA HIS B 192 23.55 -6.62 6.42
C HIS B 192 23.37 -5.36 7.26
N LYS B 193 24.51 -4.75 7.61
CA LYS B 193 24.47 -3.53 8.40
C LYS B 193 24.04 -2.32 7.58
N SER B 194 24.29 -2.35 6.28
CA SER B 194 23.95 -1.21 5.43
C SER B 194 23.92 -1.63 3.97
N TYR B 195 23.25 -0.81 3.16
CA TYR B 195 23.23 -0.94 1.71
C TYR B 195 23.60 0.40 1.09
N SER B 196 24.16 0.35 -0.12
CA SER B 196 24.66 1.56 -0.77
C SER B 196 24.15 1.66 -2.19
N CYS B 197 23.82 2.88 -2.60
CA CYS B 197 23.52 3.22 -3.98
C CYS B 197 24.53 4.25 -4.45
N GLN B 198 25.23 3.95 -5.55
CA GLN B 198 26.18 4.87 -6.15
C GLN B 198 25.77 5.17 -7.58
N VAL B 199 25.65 6.45 -7.91
CA VAL B 199 25.27 6.91 -9.23
C VAL B 199 26.47 7.60 -9.87
N THR B 200 26.83 7.18 -11.08
CA THR B 200 27.93 7.77 -11.82
C THR B 200 27.36 8.60 -12.98
N HIS B 201 27.72 9.88 -13.02
CA HIS B 201 27.25 10.80 -14.04
C HIS B 201 28.39 11.73 -14.42
N GLU B 202 28.61 11.89 -15.73
CA GLU B 202 29.69 12.70 -16.28
C GLU B 202 31.02 12.43 -15.56
N GLY B 203 31.31 11.15 -15.29
CA GLY B 203 32.57 10.76 -14.70
C GLY B 203 32.66 10.86 -13.20
N SER B 204 31.67 11.44 -12.52
CA SER B 204 31.68 11.59 -11.09
C SER B 204 30.70 10.61 -10.43
N THR B 205 30.89 10.38 -9.14
CA THR B 205 30.02 9.48 -8.39
C THR B 205 29.40 10.22 -7.21
N VAL B 206 28.21 9.76 -6.82
CA VAL B 206 27.58 10.11 -5.55
C VAL B 206 27.10 8.81 -4.93
N GLU B 207 27.20 8.71 -3.60
CA GLU B 207 26.92 7.46 -2.92
C GLU B 207 26.14 7.72 -1.64
N LYS B 208 24.88 7.29 -1.61
CA LYS B 208 24.03 7.33 -0.43
C LYS B 208 23.94 5.94 0.18
N THR B 209 23.53 5.89 1.45
CA THR B 209 23.55 4.63 2.20
C THR B 209 22.41 4.61 3.20
N VAL B 210 21.90 3.40 3.46
CA VAL B 210 20.78 3.19 4.37
C VAL B 210 21.15 2.12 5.39
N ALA B 211 20.39 2.09 6.49
CA ALA B 211 20.57 1.10 7.54
C ALA B 211 19.22 0.82 8.20
N PRO B 212 18.91 -0.46 8.48
CA PRO B 212 17.70 -0.81 9.23
C PRO B 212 17.68 -0.19 10.63
N LEU C 4 -33.46 8.26 22.99
CA LEU C 4 -32.92 9.10 21.93
C LEU C 4 -32.02 8.31 20.99
N THR C 5 -32.21 8.51 19.70
CA THR C 5 -31.58 7.74 18.64
C THR C 5 -30.81 8.67 17.72
N GLN C 6 -29.70 8.20 17.17
CA GLN C 6 -28.93 8.98 16.21
C GLN C 6 -28.08 8.04 15.36
N PRO C 7 -27.70 8.45 14.15
CA PRO C 7 -26.93 7.58 13.26
C PRO C 7 -25.60 7.18 13.88
N PRO C 8 -25.13 5.96 13.61
CA PRO C 8 -23.89 5.49 14.25
C PRO C 8 -22.63 6.25 13.81
N SER C 9 -22.56 6.69 12.56
CA SER C 9 -21.31 7.28 12.08
C SER C 9 -21.59 8.20 10.91
N THR C 10 -20.71 9.20 10.76
CA THR C 10 -20.76 10.14 9.64
C THR C 10 -19.35 10.66 9.41
N SER C 11 -19.17 11.38 8.29
CA SER C 11 -17.85 11.92 7.98
C SER C 11 -17.99 13.11 7.05
N GLY C 12 -16.93 13.92 7.00
CA GLY C 12 -16.81 15.04 6.11
C GLY C 12 -15.35 15.38 5.92
N THR C 13 -15.09 16.33 5.00
CA THR C 13 -13.79 16.81 4.59
C THR C 13 -13.47 18.13 5.29
N PRO C 14 -12.20 18.35 5.67
CA PRO C 14 -11.82 19.64 6.27
C PRO C 14 -12.34 20.83 5.46
N GLY C 15 -12.93 21.79 6.17
CA GLY C 15 -13.47 22.99 5.57
C GLY C 15 -14.95 22.95 5.24
N GLN C 16 -15.56 21.75 5.22
CA GLN C 16 -16.96 21.63 4.86
C GLN C 16 -17.83 21.71 6.12
N ARG C 17 -19.14 21.55 5.92
CA ARG C 17 -20.13 21.57 7.00
C ARG C 17 -20.75 20.19 7.13
N VAL C 18 -20.64 19.61 8.32
CA VAL C 18 -21.32 18.36 8.65
C VAL C 18 -22.40 18.66 9.67
N THR C 19 -23.40 17.77 9.73
CA THR C 19 -24.50 17.88 10.66
C THR C 19 -24.70 16.55 11.37
N ILE C 20 -25.15 16.63 12.61
CA ILE C 20 -25.36 15.47 13.47
C ILE C 20 -26.82 15.42 13.87
N SER C 21 -27.45 14.26 13.70
CA SER C 21 -28.89 14.11 13.90
C SER C 21 -29.21 13.44 15.24
N CYS C 22 -30.50 13.47 15.58
CA CYS C 22 -31.00 12.96 16.86
C CYS C 22 -32.53 12.95 16.84
N SER C 23 -33.13 11.81 17.21
CA SER C 23 -34.58 11.65 17.16
C SER C 23 -35.08 10.99 18.44
N GLY C 24 -36.33 11.30 18.80
CA GLY C 24 -37.00 10.63 19.89
C GLY C 24 -37.60 11.54 20.94
N SER C 25 -37.46 12.85 20.77
CA SER C 25 -37.86 13.82 21.79
C SER C 25 -39.37 13.96 21.90
N SER C 26 -39.87 15.16 21.60
CA SER C 26 -41.30 15.45 21.64
C SER C 26 -41.54 16.70 20.81
N SER C 27 -42.79 16.89 20.40
CA SER C 27 -43.11 17.98 19.48
C SER C 27 -42.79 19.34 20.07
N ASN C 28 -42.88 19.50 21.38
CA ASN C 28 -42.70 20.80 22.03
C ASN C 28 -41.22 21.01 22.34
N ILE C 29 -40.61 21.98 21.67
CA ILE C 29 -39.17 22.19 21.78
C ILE C 29 -38.77 22.97 23.02
N GLU C 30 -39.73 23.65 23.68
CA GLU C 30 -39.39 24.50 24.81
C GLU C 30 -39.42 23.77 26.15
N THR C 31 -40.20 22.70 26.28
CA THR C 31 -40.20 21.89 27.48
C THR C 31 -39.38 20.61 27.35
N ASN C 32 -38.97 20.27 26.13
CA ASN C 32 -38.20 19.05 25.88
C ASN C 32 -36.96 19.46 25.08
N THR C 33 -35.83 19.52 25.78
CA THR C 33 -34.69 20.33 25.40
C THR C 33 -33.45 19.46 25.30
N VAL C 34 -32.76 19.56 24.16
CA VAL C 34 -31.73 18.60 23.77
C VAL C 34 -30.35 19.22 23.96
N ASN C 35 -29.52 18.58 24.77
CA ASN C 35 -28.13 18.98 24.94
C ASN C 35 -27.23 18.17 24.01
N TRP C 36 -26.06 18.73 23.71
CA TRP C 36 -25.06 18.09 22.86
C TRP C 36 -23.73 18.04 23.61
N TYR C 37 -23.08 16.89 23.55
CA TYR C 37 -21.76 16.71 24.14
C TYR C 37 -20.77 16.25 23.08
N GLN C 38 -19.50 16.54 23.33
CA GLN C 38 -18.40 16.18 22.44
C GLN C 38 -17.36 15.42 23.23
N GLN C 39 -16.88 14.30 22.68
CA GLN C 39 -15.93 13.44 23.37
C GLN C 39 -14.75 13.13 22.44
N LEU C 40 -13.68 13.90 22.58
CA LEU C 40 -12.41 13.51 21.97
C LEU C 40 -11.83 12.33 22.74
N PRO C 41 -11.09 11.44 22.07
CA PRO C 41 -10.63 10.21 22.72
C PRO C 41 -9.81 10.50 23.97
N GLY C 42 -10.04 9.68 25.00
CA GLY C 42 -9.36 9.80 26.27
C GLY C 42 -9.91 10.86 27.19
N THR C 43 -10.97 11.55 26.82
CA THR C 43 -11.49 12.68 27.57
C THR C 43 -12.95 12.43 27.98
N ALA C 44 -13.43 13.27 28.88
CA ALA C 44 -14.82 13.25 29.31
C ALA C 44 -15.70 13.97 28.29
N PRO C 45 -16.99 13.66 28.27
CA PRO C 45 -17.90 14.42 27.39
C PRO C 45 -17.96 15.88 27.79
N LYS C 46 -17.86 16.75 26.78
CA LYS C 46 -17.81 18.20 26.99
C LYS C 46 -19.06 18.84 26.42
N LEU C 47 -19.68 19.72 27.22
CA LEU C 47 -20.90 20.40 26.79
C LEU C 47 -20.58 21.35 25.63
N VAL C 48 -21.24 21.11 24.49
CA VAL C 48 -21.08 21.98 23.33
C VAL C 48 -22.35 22.74 23.00
N MET C 49 -23.51 22.33 23.54
CA MET C 49 -24.78 22.97 23.22
C MET C 49 -25.74 22.61 24.33
N HIS C 50 -26.44 23.62 24.87
CA HIS C 50 -27.48 23.36 25.86
C HIS C 50 -28.77 24.05 25.39
N THR C 51 -29.81 23.90 26.21
CA THR C 51 -31.17 24.20 25.77
C THR C 51 -31.39 23.48 24.44
N ASN C 52 -31.51 24.22 23.35
CA ASN C 52 -31.45 23.64 22.02
C ASN C 52 -30.43 24.27 21.11
N ASN C 53 -30.00 25.50 21.39
CA ASN C 53 -29.17 26.25 20.46
C ASN C 53 -28.28 27.28 21.12
N GLN C 54 -27.75 27.00 22.30
CA GLN C 54 -26.95 27.95 23.05
C GLN C 54 -25.57 27.36 23.33
N ARG C 55 -24.51 28.15 23.03
CA ARG C 55 -23.15 27.64 23.19
C ARG C 55 -22.56 28.11 24.51
N PRO C 56 -21.86 27.22 25.21
CA PRO C 56 -21.04 27.64 26.35
C PRO C 56 -19.99 28.66 25.93
N SER C 57 -19.31 29.21 26.94
CA SER C 57 -18.46 30.38 26.72
C SER C 57 -17.31 30.11 25.76
N GLY C 58 -16.86 28.86 25.67
CA GLY C 58 -15.67 28.56 24.88
C GLY C 58 -15.93 27.99 23.51
N VAL C 59 -17.17 27.62 23.22
CA VAL C 59 -17.49 26.95 21.96
C VAL C 59 -17.56 27.99 20.85
N PRO C 60 -16.87 27.78 19.73
CA PRO C 60 -16.89 28.77 18.64
C PRO C 60 -18.25 28.83 17.96
N ASP C 61 -18.41 29.87 17.13
CA ASP C 61 -19.70 30.16 16.51
C ASP C 61 -20.09 29.17 15.43
N ARG C 62 -19.13 28.44 14.86
CA ARG C 62 -19.44 27.53 13.76
C ARG C 62 -20.31 26.36 14.19
N PHE C 63 -20.34 26.05 15.49
CA PHE C 63 -21.30 25.09 16.02
C PHE C 63 -22.65 25.77 16.16
N SER C 64 -23.70 25.13 15.65
CA SER C 64 -25.05 25.67 15.76
C SER C 64 -26.04 24.53 15.94
N GLY C 65 -26.81 24.60 17.01
CA GLY C 65 -27.84 23.62 17.30
C GLY C 65 -29.20 24.12 16.86
N SER C 66 -30.05 23.18 16.44
CA SER C 66 -31.40 23.51 16.05
C SER C 66 -32.31 22.38 16.50
N ARG C 67 -33.60 22.53 16.25
CA ARG C 67 -34.60 21.72 16.93
C ARG C 67 -35.91 21.78 16.13
N SER C 68 -36.20 20.71 15.39
CA SER C 68 -37.37 20.64 14.51
C SER C 68 -38.26 19.49 14.97
N GLY C 69 -39.31 19.81 15.70
CA GLY C 69 -40.26 18.78 16.11
C GLY C 69 -39.61 17.74 17.00
N THR C 70 -39.74 16.47 16.61
CA THR C 70 -39.13 15.38 17.34
C THR C 70 -37.62 15.32 17.15
N SER C 71 -37.07 16.06 16.20
CA SER C 71 -35.68 15.93 15.79
C SER C 71 -34.82 17.08 16.31
N ALA C 72 -33.53 16.80 16.44
CA ALA C 72 -32.54 17.78 16.86
C ALA C 72 -31.34 17.70 15.93
N SER C 73 -30.63 18.82 15.79
CA SER C 73 -29.51 18.87 14.85
C SER C 73 -28.43 19.78 15.39
N LEU C 74 -27.20 19.26 15.41
CA LEU C 74 -26.00 20.04 15.68
C LEU C 74 -25.19 20.13 14.39
N ALA C 75 -25.04 21.34 13.87
CA ALA C 75 -24.28 21.57 12.65
C ALA C 75 -22.89 22.10 13.00
N ILE C 76 -21.87 21.54 12.36
CA ILE C 76 -20.50 21.99 12.52
C ILE C 76 -20.05 22.57 11.18
N GLY C 77 -19.84 23.88 11.14
CA GLY C 77 -19.25 24.51 9.99
C GLY C 77 -17.74 24.60 10.09
N GLY C 78 -17.11 24.81 8.93
CA GLY C 78 -15.66 24.87 8.86
C GLY C 78 -14.99 23.72 9.59
N LEU C 79 -15.26 22.50 9.13
CA LEU C 79 -14.82 21.30 9.84
C LEU C 79 -13.30 21.27 9.96
N GLN C 80 -12.81 21.08 11.19
CA GLN C 80 -11.39 20.99 11.47
C GLN C 80 -11.05 19.59 11.96
N SER C 81 -9.76 19.25 11.88
CA SER C 81 -9.32 17.92 12.28
C SER C 81 -9.44 17.68 13.78
N GLU C 82 -9.46 18.75 14.59
CA GLU C 82 -9.67 18.60 16.03
C GLU C 82 -11.13 18.39 16.38
N ASP C 83 -12.02 18.33 15.39
CA ASP C 83 -13.43 18.03 15.62
C ASP C 83 -13.74 16.54 15.59
N GLU C 84 -12.77 15.69 15.24
CA GLU C 84 -12.97 14.25 15.30
C GLU C 84 -13.32 13.83 16.71
N ALA C 85 -14.54 13.33 16.91
CA ALA C 85 -15.02 12.96 18.23
C ALA C 85 -16.32 12.17 18.08
N ASP C 86 -16.80 11.66 19.21
CA ASP C 86 -18.15 11.16 19.30
C ASP C 86 -19.05 12.28 19.81
N TYR C 87 -20.19 12.48 19.15
CA TYR C 87 -21.12 13.53 19.50
C TYR C 87 -22.41 12.90 20.01
N PHE C 88 -22.78 13.21 21.25
CA PHE C 88 -23.94 12.63 21.92
C PHE C 88 -24.98 13.71 22.14
N CYS C 89 -26.17 13.53 21.57
CA CYS C 89 -27.32 14.31 22.01
C CYS C 89 -27.85 13.72 23.31
N ALA C 90 -28.46 14.57 24.12
CA ALA C 90 -28.90 14.16 25.44
C ALA C 90 -30.02 15.08 25.91
N ALA C 91 -30.78 14.61 26.90
CA ALA C 91 -31.92 15.34 27.39
C ALA C 91 -32.12 15.06 28.87
N TRP C 92 -32.83 15.96 29.54
CA TRP C 92 -33.03 15.87 30.97
C TRP C 92 -34.11 14.84 31.31
N ASP C 93 -33.91 14.14 32.42
CA ASP C 93 -34.91 13.22 32.94
C ASP C 93 -34.92 13.27 34.46
N ASN C 97 -33.02 14.85 38.86
CA ASN C 97 -32.41 13.66 38.29
C ASN C 97 -31.14 14.02 37.50
N GLY C 98 -31.17 13.88 36.19
CA GLY C 98 -30.00 14.22 35.40
C GLY C 98 -30.18 13.88 33.93
N VAL C 99 -29.09 14.07 33.20
CA VAL C 99 -29.09 13.96 31.74
C VAL C 99 -29.03 12.49 31.33
N ILE C 100 -29.64 12.20 30.18
CA ILE C 100 -29.71 10.84 29.64
C ILE C 100 -29.23 10.90 28.20
N PHE C 101 -28.21 10.09 27.88
CA PHE C 101 -27.51 10.19 26.61
C PHE C 101 -28.19 9.37 25.51
N GLY C 102 -28.12 9.88 24.29
CA GLY C 102 -28.49 9.14 23.11
C GLY C 102 -27.38 8.20 22.69
N GLY C 103 -27.56 7.59 21.51
CA GLY C 103 -26.72 6.47 21.14
C GLY C 103 -25.32 6.88 20.77
N GLY C 104 -25.19 7.91 19.93
CA GLY C 104 -23.90 8.41 19.55
C GLY C 104 -23.63 8.43 18.06
N THR C 105 -22.90 9.44 17.59
CA THR C 105 -22.46 9.55 16.21
C THR C 105 -20.95 9.75 16.18
N LYS C 106 -20.23 8.74 15.72
CA LYS C 106 -18.80 8.89 15.46
C LYS C 106 -18.61 9.72 14.20
N LEU C 107 -17.97 10.87 14.34
CA LEU C 107 -17.71 11.77 13.23
C LEU C 107 -16.22 11.69 12.86
N THR C 108 -15.94 11.35 11.61
CA THR C 108 -14.58 11.22 11.12
C THR C 108 -14.27 12.37 10.17
N VAL C 109 -13.11 12.99 10.36
CA VAL C 109 -12.61 14.03 9.47
C VAL C 109 -11.61 13.38 8.53
N LEU C 110 -12.02 13.18 7.27
CA LEU C 110 -11.31 12.34 6.32
C LEU C 110 -9.82 12.65 6.20
N GLY C 111 -8.98 11.75 6.69
CA GLY C 111 -7.54 11.82 6.52
C GLY C 111 -7.01 10.95 5.41
N GLN C 112 -7.87 10.27 4.68
CA GLN C 112 -7.51 9.45 3.54
C GLN C 112 -8.79 9.14 2.75
N PRO C 113 -8.67 8.80 1.48
CA PRO C 113 -9.87 8.60 0.66
C PRO C 113 -10.74 7.45 1.15
N LYS C 114 -12.05 7.62 0.99
CA LYS C 114 -13.03 6.66 1.47
C LYS C 114 -12.94 5.34 0.69
N ALA C 115 -13.22 4.24 1.39
CA ALA C 115 -13.20 2.91 0.79
C ALA C 115 -14.32 2.09 1.40
N ALA C 116 -15.17 1.52 0.55
CA ALA C 116 -16.31 0.72 1.01
C ALA C 116 -15.87 -0.71 1.34
N PRO C 117 -16.53 -1.36 2.28
CA PRO C 117 -16.05 -2.65 2.77
C PRO C 117 -16.22 -3.78 1.77
N SER C 118 -15.37 -4.79 1.89
CA SER C 118 -15.52 -6.06 1.20
C SER C 118 -16.17 -7.04 2.15
N VAL C 119 -17.24 -7.71 1.68
CA VAL C 119 -18.08 -8.54 2.53
C VAL C 119 -18.08 -9.96 1.98
N THR C 120 -17.58 -10.90 2.79
CA THR C 120 -17.56 -12.32 2.46
C THR C 120 -18.16 -13.10 3.62
N LEU C 121 -19.13 -13.95 3.31
CA LEU C 121 -19.90 -14.67 4.33
C LEU C 121 -19.65 -16.18 4.20
N PHE C 122 -19.28 -16.82 5.32
CA PHE C 122 -18.92 -18.23 5.36
C PHE C 122 -19.98 -19.05 6.09
N PRO C 123 -20.36 -20.20 5.54
CA PRO C 123 -21.19 -21.15 6.29
C PRO C 123 -20.35 -21.96 7.26
N PRO C 124 -20.95 -22.77 8.14
CA PRO C 124 -20.15 -23.48 9.13
C PRO C 124 -19.33 -24.60 8.50
N SER C 125 -18.16 -24.85 9.10
CA SER C 125 -17.28 -25.89 8.61
C SER C 125 -17.82 -27.27 8.97
N SER C 126 -17.28 -28.29 8.31
CA SER C 126 -17.69 -29.66 8.59
C SER C 126 -17.23 -30.09 9.99
N GLU C 127 -15.97 -29.79 10.32
CA GLU C 127 -15.44 -30.16 11.64
C GLU C 127 -16.24 -29.52 12.76
N GLU C 128 -16.82 -28.34 12.51
CA GLU C 128 -17.55 -27.64 13.56
C GLU C 128 -18.90 -28.30 13.83
N LEU C 129 -19.64 -28.65 12.79
CA LEU C 129 -20.94 -29.29 12.98
C LEU C 129 -20.82 -30.66 13.62
N GLN C 130 -19.73 -31.37 13.35
CA GLN C 130 -19.48 -32.65 14.00
C GLN C 130 -19.42 -32.50 15.51
N ALA C 131 -19.02 -31.32 16.00
CA ALA C 131 -19.00 -31.02 17.43
C ALA C 131 -20.28 -30.35 17.90
N ASN C 132 -21.36 -30.46 17.12
CA ASN C 132 -22.67 -29.87 17.47
C ASN C 132 -22.60 -28.36 17.60
N LYS C 133 -21.73 -27.72 16.82
CA LYS C 133 -21.63 -26.28 16.77
C LYS C 133 -21.83 -25.78 15.35
N ALA C 134 -22.38 -24.58 15.23
CA ALA C 134 -22.48 -23.90 13.95
C ALA C 134 -22.20 -22.42 14.18
N THR C 135 -21.15 -21.91 13.56
CA THR C 135 -20.85 -20.48 13.54
C THR C 135 -20.83 -20.01 12.09
N LEU C 136 -21.48 -18.89 11.83
CA LEU C 136 -21.34 -18.19 10.57
C LEU C 136 -20.40 -17.01 10.78
N VAL C 137 -19.56 -16.74 9.79
CA VAL C 137 -18.63 -15.62 9.85
C VAL C 137 -18.91 -14.69 8.68
N CYS C 138 -19.05 -13.40 8.97
CA CYS C 138 -19.17 -12.36 7.96
C CYS C 138 -17.88 -11.54 8.00
N LEU C 139 -17.03 -11.73 7.00
CA LEU C 139 -15.73 -11.06 6.96
C LEU C 139 -15.88 -9.70 6.28
N ILE C 140 -15.39 -8.66 6.96
CA ILE C 140 -15.53 -7.27 6.51
C ILE C 140 -14.12 -6.67 6.46
N SER C 141 -13.70 -6.22 5.29
CA SER C 141 -12.32 -5.82 5.10
C SER C 141 -12.20 -4.62 4.17
N ASP C 142 -11.10 -3.88 4.33
CA ASP C 142 -10.64 -2.86 3.38
C ASP C 142 -11.59 -1.67 3.31
N PHE C 143 -12.05 -1.17 4.46
CA PHE C 143 -12.95 -0.04 4.48
C PHE C 143 -12.34 1.13 5.22
N TYR C 144 -12.66 2.33 4.74
CA TYR C 144 -12.36 3.57 5.45
C TYR C 144 -13.52 4.56 5.28
N PRO C 145 -13.90 5.25 6.37
CA PRO C 145 -13.33 5.11 7.71
C PRO C 145 -13.76 3.85 8.47
N GLY C 146 -13.10 3.59 9.59
CA GLY C 146 -13.31 2.38 10.35
C GLY C 146 -14.55 2.41 11.23
N ALA C 147 -15.72 2.34 10.62
CA ALA C 147 -16.98 2.29 11.34
C ALA C 147 -18.01 1.57 10.50
N VAL C 148 -18.58 0.50 11.03
CA VAL C 148 -19.60 -0.30 10.35
C VAL C 148 -20.62 -0.76 11.37
N THR C 149 -21.84 -0.99 10.90
CA THR C 149 -22.88 -1.64 11.70
C THR C 149 -23.44 -2.82 10.92
N VAL C 150 -23.65 -3.92 11.63
CA VAL C 150 -23.97 -5.21 11.02
C VAL C 150 -25.35 -5.65 11.49
N ALA C 151 -26.18 -6.08 10.55
CA ALA C 151 -27.49 -6.65 10.85
C ALA C 151 -27.56 -8.07 10.31
N TRP C 152 -28.01 -9.00 11.14
CA TRP C 152 -28.18 -10.39 10.76
C TRP C 152 -29.66 -10.69 10.58
N LYS C 153 -29.98 -11.51 9.58
CA LYS C 153 -31.36 -11.85 9.23
C LYS C 153 -31.48 -13.36 9.07
N ALA C 154 -32.49 -13.94 9.73
CA ALA C 154 -32.86 -15.33 9.54
C ALA C 154 -34.03 -15.39 8.56
N ASP C 155 -33.77 -15.89 7.36
CA ASP C 155 -34.68 -15.76 6.22
C ASP C 155 -35.03 -14.28 6.01
N SER C 156 -36.03 -13.75 6.72
CA SER C 156 -36.39 -12.34 6.59
C SER C 156 -36.61 -11.67 7.94
N SER C 157 -36.10 -12.25 9.03
CA SER C 157 -36.38 -11.73 10.35
C SER C 157 -35.10 -11.26 11.02
N PRO C 158 -35.15 -10.14 11.75
CA PRO C 158 -34.00 -9.75 12.58
C PRO C 158 -33.60 -10.86 13.54
N VAL C 159 -32.30 -10.95 13.80
CA VAL C 159 -31.73 -11.81 14.83
C VAL C 159 -30.75 -10.95 15.62
N LYS C 160 -30.66 -11.21 16.92
CA LYS C 160 -29.76 -10.44 17.76
C LYS C 160 -29.18 -11.24 18.93
N ALA C 161 -29.44 -12.54 19.04
CA ALA C 161 -29.09 -13.27 20.25
C ALA C 161 -27.68 -13.84 20.21
N GLY C 162 -27.24 -14.34 19.06
CA GLY C 162 -25.95 -15.00 19.02
C GLY C 162 -24.87 -14.30 18.23
N VAL C 163 -24.97 -12.98 18.07
CA VAL C 163 -24.08 -12.23 17.18
C VAL C 163 -23.03 -11.49 18.01
N GLU C 164 -21.81 -11.40 17.47
CA GLU C 164 -20.72 -10.63 18.04
C GLU C 164 -20.02 -9.88 16.92
N THR C 165 -19.31 -8.82 17.29
CA THR C 165 -18.62 -7.98 16.33
C THR C 165 -17.33 -7.48 16.97
N THR C 166 -16.22 -7.63 16.26
CA THR C 166 -14.94 -7.13 16.74
C THR C 166 -14.79 -5.65 16.39
N THR C 167 -13.99 -4.96 17.18
CA THR C 167 -13.75 -3.54 16.93
C THR C 167 -12.84 -3.39 15.72
N PRO C 168 -13.19 -2.54 14.76
CA PRO C 168 -12.36 -2.39 13.55
C PRO C 168 -10.94 -1.96 13.89
N SER C 169 -9.97 -2.66 13.31
CA SER C 169 -8.56 -2.39 13.48
C SER C 169 -7.91 -2.11 12.13
N LYS C 170 -6.82 -1.34 12.16
CA LYS C 170 -6.14 -0.95 10.94
C LYS C 170 -5.17 -2.04 10.51
N GLN C 171 -5.30 -2.50 9.27
N GLN C 171 -5.29 -2.46 9.24
CA GLN C 171 -4.39 -3.51 8.75
CA GLN C 171 -4.45 -3.49 8.66
C GLN C 171 -3.26 -2.81 7.99
C GLN C 171 -3.07 -2.94 8.29
N SER C 172 -2.40 -3.60 7.34
CA SER C 172 -1.22 -3.04 6.70
C SER C 172 -1.59 -2.19 5.49
N ASN C 173 -2.82 -2.34 4.98
CA ASN C 173 -3.35 -1.44 3.96
C ASN C 173 -3.36 0.00 4.43
N ASN C 174 -3.41 0.22 5.74
CA ASN C 174 -3.91 1.42 6.42
C ASN C 174 -5.42 1.52 6.31
N LYS C 175 -6.08 0.50 5.78
CA LYS C 175 -7.53 0.38 5.82
C LYS C 175 -7.93 -0.51 7.01
N TYR C 176 -9.24 -0.55 7.28
CA TYR C 176 -9.76 -1.22 8.46
C TYR C 176 -10.45 -2.52 8.09
N ALA C 177 -10.57 -3.40 9.08
CA ALA C 177 -11.17 -4.71 8.88
C ALA C 177 -11.74 -5.23 10.21
N ALA C 178 -12.84 -5.97 10.11
CA ALA C 178 -13.47 -6.59 11.26
C ALA C 178 -14.31 -7.77 10.77
N SER C 179 -14.73 -8.62 11.70
CA SER C 179 -15.59 -9.73 11.37
C SER C 179 -16.69 -9.86 12.42
N SER C 180 -17.86 -10.30 11.96
CA SER C 180 -19.01 -10.54 12.81
C SER C 180 -19.40 -12.01 12.69
N TYR C 181 -19.63 -12.66 13.84
CA TYR C 181 -19.93 -14.08 13.84
C TYR C 181 -21.21 -14.38 14.61
N LEU C 182 -21.99 -15.31 14.06
CA LEU C 182 -23.30 -15.68 14.58
C LEU C 182 -23.27 -17.13 15.02
N SER C 183 -23.66 -17.39 16.26
CA SER C 183 -23.65 -18.73 16.83
C SER C 183 -25.02 -19.38 16.69
N LEU C 184 -25.05 -20.57 16.10
CA LEU C 184 -26.28 -21.31 15.88
C LEU C 184 -26.07 -22.76 16.26
N THR C 185 -27.16 -23.42 16.65
CA THR C 185 -27.15 -24.86 16.75
C THR C 185 -27.30 -25.46 15.35
N PRO C 186 -26.86 -26.70 15.15
CA PRO C 186 -27.12 -27.36 13.86
C PRO C 186 -28.59 -27.38 13.47
N GLU C 187 -29.50 -27.59 14.43
CA GLU C 187 -30.92 -27.57 14.10
C GLU C 187 -31.33 -26.22 13.52
N GLN C 188 -30.88 -25.13 14.15
CA GLN C 188 -31.15 -23.79 13.64
C GLN C 188 -30.66 -23.64 12.20
N TRP C 189 -29.42 -24.07 11.93
CA TRP C 189 -28.81 -23.84 10.63
C TRP C 189 -29.58 -24.55 9.52
N LYS C 190 -29.91 -25.82 9.73
CA LYS C 190 -30.53 -26.61 8.67
C LYS C 190 -32.05 -26.45 8.58
N SER C 191 -32.67 -25.68 9.48
CA SER C 191 -34.12 -25.56 9.50
C SER C 191 -34.65 -24.27 8.88
N HIS C 192 -33.77 -23.36 8.46
CA HIS C 192 -34.18 -22.12 7.82
C HIS C 192 -33.87 -22.17 6.33
N LYS C 193 -34.58 -21.33 5.57
CA LYS C 193 -34.31 -21.25 4.14
C LYS C 193 -32.95 -20.62 3.86
N SER C 194 -32.52 -19.68 4.69
CA SER C 194 -31.31 -18.91 4.44
C SER C 194 -31.00 -18.03 5.64
N TYR C 195 -29.76 -17.55 5.69
CA TYR C 195 -29.33 -16.48 6.58
C TYR C 195 -28.64 -15.41 5.76
N SER C 196 -28.63 -14.18 6.27
CA SER C 196 -28.05 -13.07 5.53
C SER C 196 -27.23 -12.17 6.46
N CYS C 197 -26.25 -11.50 5.87
CA CYS C 197 -25.41 -10.53 6.56
C CYS C 197 -25.45 -9.22 5.78
N GLN C 198 -25.86 -8.14 6.44
CA GLN C 198 -25.89 -6.82 5.82
C GLN C 198 -24.93 -5.88 6.55
N VAL C 199 -24.14 -5.15 5.77
CA VAL C 199 -23.10 -4.26 6.30
C VAL C 199 -23.37 -2.86 5.77
N THR C 200 -23.54 -1.90 6.68
CA THR C 200 -23.84 -0.52 6.32
C THR C 200 -22.60 0.34 6.53
N HIS C 201 -22.19 1.05 5.47
CA HIS C 201 -21.01 1.89 5.51
C HIS C 201 -21.26 3.15 4.68
N GLU C 202 -21.11 4.32 5.31
CA GLU C 202 -21.22 5.61 4.65
C GLU C 202 -22.49 5.71 3.80
N GLY C 203 -23.62 5.30 4.39
CA GLY C 203 -24.90 5.46 3.76
C GLY C 203 -25.26 4.39 2.75
N SER C 204 -24.44 3.37 2.56
CA SER C 204 -24.74 2.25 1.67
C SER C 204 -24.67 0.95 2.44
N THR C 205 -25.42 -0.04 1.97
CA THR C 205 -25.52 -1.33 2.65
C THR C 205 -25.36 -2.46 1.64
N VAL C 206 -24.48 -3.41 1.96
CA VAL C 206 -24.27 -4.61 1.14
C VAL C 206 -24.79 -5.81 1.92
N GLU C 207 -25.32 -6.79 1.19
CA GLU C 207 -25.93 -7.96 1.81
C GLU C 207 -25.36 -9.24 1.22
N LYS C 208 -25.14 -10.24 2.08
CA LYS C 208 -24.65 -11.55 1.69
C LYS C 208 -25.51 -12.63 2.31
N THR C 209 -25.86 -13.64 1.51
CA THR C 209 -26.81 -14.67 1.90
C THR C 209 -26.20 -16.05 1.70
N VAL C 210 -26.32 -16.91 2.73
CA VAL C 210 -25.93 -18.31 2.61
C VAL C 210 -27.11 -19.17 3.06
N ALA C 211 -27.03 -20.46 2.70
CA ALA C 211 -28.09 -21.42 2.98
C ALA C 211 -27.50 -22.81 2.86
N PRO C 212 -28.01 -23.79 3.62
CA PRO C 212 -27.53 -25.18 3.57
C PRO C 212 -27.60 -25.79 2.18
N VAL D 3 -15.70 23.02 38.54
CA VAL D 3 -14.88 21.86 38.23
C VAL D 3 -15.27 20.65 39.06
N LEU D 4 -15.05 19.47 38.49
CA LEU D 4 -15.13 18.18 39.18
C LEU D 4 -13.87 17.41 38.78
N THR D 5 -12.98 17.17 39.73
CA THR D 5 -11.75 16.44 39.47
C THR D 5 -11.81 15.05 40.07
N GLN D 6 -11.27 14.09 39.33
CA GLN D 6 -11.24 12.68 39.70
C GLN D 6 -9.83 12.13 39.58
N PRO D 7 -9.48 11.14 40.39
CA PRO D 7 -8.26 10.36 40.12
C PRO D 7 -8.39 9.62 38.80
N PRO D 8 -7.35 9.62 37.97
CA PRO D 8 -7.51 9.11 36.60
C PRO D 8 -7.55 7.60 36.46
N SER D 9 -7.11 6.83 37.45
CA SER D 9 -7.19 5.37 37.32
C SER D 9 -7.25 4.71 38.70
N THR D 10 -7.65 3.44 38.69
CA THR D 10 -7.68 2.57 39.86
C THR D 10 -7.92 1.15 39.36
N SER D 11 -7.73 0.17 40.26
CA SER D 11 -7.84 -1.22 39.83
C SER D 11 -8.07 -2.13 41.03
N GLY D 12 -8.51 -3.36 40.71
CA GLY D 12 -8.73 -4.40 41.69
C GLY D 12 -8.79 -5.75 40.99
N THR D 13 -8.82 -6.81 41.81
CA THR D 13 -8.88 -8.20 41.36
C THR D 13 -10.27 -8.78 41.60
N PRO D 14 -10.72 -9.74 40.79
CA PRO D 14 -12.07 -10.28 40.94
C PRO D 14 -12.44 -10.60 42.38
N GLY D 15 -13.68 -10.27 42.74
CA GLY D 15 -14.18 -10.47 44.09
C GLY D 15 -13.95 -9.30 45.03
N GLN D 16 -13.02 -8.41 44.72
CA GLN D 16 -12.67 -7.32 45.61
C GLN D 16 -13.70 -6.20 45.56
N ARG D 17 -13.41 -5.14 46.31
CA ARG D 17 -14.24 -3.95 46.40
C ARG D 17 -13.41 -2.72 46.09
N VAL D 18 -13.88 -1.91 45.13
CA VAL D 18 -13.18 -0.73 44.67
C VAL D 18 -14.07 0.50 44.88
N THR D 19 -13.42 1.67 45.00
CA THR D 19 -14.13 2.94 45.12
C THR D 19 -13.48 3.97 44.22
N ILE D 20 -14.32 4.80 43.59
CA ILE D 20 -13.89 5.90 42.74
C ILE D 20 -14.28 7.21 43.40
N SER D 21 -13.34 8.16 43.43
CA SER D 21 -13.50 9.42 44.13
C SER D 21 -13.85 10.56 43.18
N CYS D 22 -14.45 11.60 43.75
CA CYS D 22 -14.87 12.78 42.99
C CYS D 22 -15.03 13.93 43.99
N SER D 23 -14.16 14.94 43.88
CA SER D 23 -14.18 16.10 44.76
C SER D 23 -14.48 17.34 43.95
N GLY D 24 -15.40 18.17 44.45
CA GLY D 24 -15.87 19.30 43.67
C GLY D 24 -16.13 20.58 44.45
N SER D 25 -17.16 21.31 44.03
CA SER D 25 -17.49 22.63 44.55
C SER D 25 -16.30 23.60 44.47
N ASN D 32 -24.59 20.62 44.52
CA ASN D 32 -25.85 19.97 44.85
C ASN D 32 -25.66 18.45 45.06
N THR D 33 -26.38 17.68 44.25
CA THR D 33 -26.29 16.23 44.24
C THR D 33 -25.50 15.78 43.00
N VAL D 34 -25.02 14.54 43.06
CA VAL D 34 -24.02 14.04 42.12
C VAL D 34 -24.56 12.80 41.42
N ASN D 35 -24.27 12.66 40.13
CA ASN D 35 -24.61 11.48 39.35
C ASN D 35 -23.33 10.78 38.90
N TRP D 36 -23.46 9.50 38.58
CA TRP D 36 -22.34 8.68 38.15
C TRP D 36 -22.67 7.99 36.83
N TYR D 37 -21.69 7.91 35.93
CA TYR D 37 -21.89 7.31 34.62
C TYR D 37 -20.84 6.23 34.36
N GLN D 38 -21.31 5.10 33.84
CA GLN D 38 -20.45 3.99 33.40
C GLN D 38 -20.39 4.00 31.88
N GLN D 39 -19.19 3.96 31.33
CA GLN D 39 -19.04 3.93 29.88
C GLN D 39 -18.02 2.85 29.49
N LEU D 40 -18.47 1.91 28.71
CA LEU D 40 -17.67 0.89 28.06
C LEU D 40 -17.25 1.37 26.67
N PRO D 41 -16.11 0.89 26.19
CA PRO D 41 -15.55 1.43 24.94
C PRO D 41 -16.51 1.26 23.77
N GLY D 42 -16.72 2.37 23.06
CA GLY D 42 -17.61 2.37 21.89
C GLY D 42 -19.08 2.43 22.19
N THR D 43 -19.48 2.89 23.39
CA THR D 43 -20.89 2.96 23.76
C THR D 43 -21.13 4.26 24.51
N ALA D 44 -22.36 4.77 24.39
CA ALA D 44 -22.75 5.98 25.10
C ALA D 44 -22.69 5.76 26.60
N PRO D 45 -22.36 6.80 27.37
CA PRO D 45 -22.32 6.65 28.84
C PRO D 45 -23.70 6.26 29.38
N LYS D 46 -23.69 5.37 30.36
CA LYS D 46 -24.89 4.78 30.93
C LYS D 46 -25.01 5.18 32.39
N LEU D 47 -26.14 5.76 32.76
CA LEU D 47 -26.36 6.13 34.15
C LEU D 47 -26.34 4.88 35.02
N VAL D 48 -25.49 4.90 36.05
CA VAL D 48 -25.36 3.74 36.92
C VAL D 48 -25.55 4.17 38.37
N MET D 49 -25.66 5.48 38.61
CA MET D 49 -25.95 5.98 39.95
C MET D 49 -26.70 7.30 39.82
N HIS D 50 -27.64 7.49 40.73
CA HIS D 50 -28.74 8.43 40.58
C HIS D 50 -28.45 9.66 41.46
N THR D 51 -29.39 10.15 42.28
CA THR D 51 -29.24 11.32 43.13
C THR D 51 -28.34 10.96 44.30
N ASN D 52 -27.02 10.92 44.04
CA ASN D 52 -26.04 10.60 45.08
C ASN D 52 -26.13 9.13 45.48
N ASN D 53 -27.33 8.57 45.40
CA ASN D 53 -27.71 7.47 46.28
C ASN D 53 -28.60 6.38 45.67
N GLN D 54 -29.21 6.65 44.52
CA GLN D 54 -30.29 5.80 44.03
C GLN D 54 -29.85 4.91 42.88
N ARG D 55 -30.24 3.69 42.92
CA ARG D 55 -29.78 3.06 41.70
C ARG D 55 -30.89 3.10 40.64
N PRO D 56 -30.54 3.38 39.38
CA PRO D 56 -31.49 3.16 38.29
C PRO D 56 -31.85 1.68 38.22
N SER D 57 -32.88 1.38 37.42
CA SER D 57 -33.28 -0.01 37.27
C SER D 57 -32.22 -0.79 36.52
N GLY D 58 -32.05 -2.06 36.91
CA GLY D 58 -31.06 -2.93 36.32
C GLY D 58 -29.69 -2.90 36.95
N VAL D 59 -29.32 -1.81 37.62
CA VAL D 59 -28.00 -1.75 38.27
C VAL D 59 -28.01 -2.60 39.53
N PRO D 60 -27.04 -3.48 39.71
CA PRO D 60 -27.05 -4.39 40.86
C PRO D 60 -26.83 -3.66 42.17
N ASP D 61 -27.18 -4.34 43.27
CA ASP D 61 -26.92 -3.82 44.60
C ASP D 61 -25.43 -3.69 44.92
N ARG D 62 -24.55 -4.27 44.10
CA ARG D 62 -23.12 -4.12 44.36
C ARG D 62 -22.69 -2.67 44.26
N PHE D 63 -23.42 -1.85 43.49
CA PHE D 63 -23.07 -0.45 43.29
C PHE D 63 -23.77 0.35 44.39
N SER D 64 -22.98 0.96 45.27
CA SER D 64 -23.51 1.86 46.26
C SER D 64 -22.79 3.19 46.17
N GLY D 65 -23.51 4.27 46.44
CA GLY D 65 -22.95 5.60 46.32
C GLY D 65 -23.09 6.36 47.62
N SER D 66 -22.22 7.34 47.82
CA SER D 66 -22.18 8.09 49.06
C SER D 66 -21.71 9.50 48.76
N ARG D 67 -21.84 10.37 49.76
CA ARG D 67 -21.54 11.78 49.59
C ARG D 67 -20.99 12.29 50.91
N SER D 68 -20.16 13.34 50.82
CA SER D 68 -19.52 13.90 52.01
C SER D 68 -19.02 15.31 51.75
N GLY D 69 -19.82 16.32 52.09
CA GLY D 69 -19.43 17.70 51.89
C GLY D 69 -19.27 18.05 50.42
N THR D 70 -18.02 18.21 49.98
CA THR D 70 -17.69 18.48 48.59
C THR D 70 -17.25 17.22 47.84
N SER D 71 -17.35 16.05 48.48
CA SER D 71 -16.80 14.83 47.91
C SER D 71 -17.90 13.80 47.68
N ALA D 72 -17.60 12.86 46.80
CA ALA D 72 -18.53 11.81 46.41
C ALA D 72 -17.74 10.54 46.15
N SER D 73 -18.40 9.40 46.31
CA SER D 73 -17.73 8.11 46.17
C SER D 73 -18.67 7.11 45.51
N LEU D 74 -18.11 6.28 44.64
CA LEU D 74 -18.85 5.20 43.99
C LEU D 74 -18.15 3.90 44.39
N ALA D 75 -18.80 3.12 45.25
CA ALA D 75 -18.23 1.86 45.73
C ALA D 75 -18.79 0.71 44.91
N ILE D 76 -17.89 -0.15 44.42
CA ILE D 76 -18.25 -1.30 43.61
C ILE D 76 -17.81 -2.55 44.36
N GLY D 77 -18.76 -3.32 44.86
CA GLY D 77 -18.45 -4.53 45.59
C GLY D 77 -18.46 -5.76 44.69
N GLY D 78 -17.66 -6.75 45.07
CA GLY D 78 -17.57 -7.98 44.32
C GLY D 78 -17.20 -7.73 42.87
N LEU D 79 -16.03 -7.12 42.65
CA LEU D 79 -15.58 -6.72 41.33
C LEU D 79 -15.66 -7.87 40.33
N GLN D 80 -16.15 -7.57 39.13
CA GLN D 80 -16.24 -8.57 38.07
C GLN D 80 -15.69 -7.98 36.78
N SER D 81 -15.46 -8.87 35.80
CA SER D 81 -14.85 -8.46 34.54
C SER D 81 -15.67 -7.43 33.80
N GLU D 82 -17.01 -7.51 33.88
CA GLU D 82 -17.85 -6.56 33.15
C GLU D 82 -17.85 -5.16 33.75
N ASP D 83 -17.25 -4.97 34.92
CA ASP D 83 -17.19 -3.64 35.54
C ASP D 83 -16.06 -2.80 34.97
N GLU D 84 -15.28 -3.36 34.04
CA GLU D 84 -14.17 -2.65 33.43
C GLU D 84 -14.69 -1.55 32.52
N ALA D 85 -14.37 -0.29 32.85
CA ALA D 85 -14.95 0.85 32.16
C ALA D 85 -14.37 2.18 32.66
N ASP D 86 -14.81 3.28 32.05
CA ASP D 86 -14.51 4.63 32.53
C ASP D 86 -15.71 5.12 33.32
N TYR D 87 -15.45 5.69 34.50
CA TYR D 87 -16.51 6.16 35.38
C TYR D 87 -16.39 7.67 35.60
N PHE D 88 -17.43 8.40 35.21
CA PHE D 88 -17.46 9.86 35.30
C PHE D 88 -18.50 10.30 36.34
N CYS D 89 -18.12 11.26 37.18
CA CYS D 89 -19.09 11.93 38.04
C CYS D 89 -19.63 13.17 37.35
N ALA D 90 -20.82 13.61 37.80
CA ALA D 90 -21.54 14.70 37.14
C ALA D 90 -22.44 15.39 38.17
N ALA D 91 -22.65 16.69 37.99
CA ALA D 91 -23.45 17.44 38.96
C ALA D 91 -23.89 18.77 38.35
N TRP D 92 -24.72 19.49 39.12
CA TRP D 92 -25.19 20.84 38.83
C TRP D 92 -26.09 20.88 37.60
N ASP D 93 -26.99 21.86 37.54
CA ASP D 93 -27.79 22.12 36.34
C ASP D 93 -28.40 23.52 36.40
N GLY D 98 -26.26 23.63 33.15
CA GLY D 98 -26.05 22.33 32.53
C GLY D 98 -25.10 21.44 33.30
N VAL D 99 -25.26 20.13 33.12
CA VAL D 99 -24.45 19.17 33.85
C VAL D 99 -22.96 19.35 33.53
N ILE D 100 -22.11 19.10 34.51
CA ILE D 100 -20.67 19.20 34.38
C ILE D 100 -20.07 17.85 34.72
N PHE D 101 -19.31 17.28 33.78
CA PHE D 101 -18.66 15.99 33.98
C PHE D 101 -17.22 16.19 34.41
N GLY D 102 -16.77 15.35 35.34
CA GLY D 102 -15.37 15.32 35.70
C GLY D 102 -14.58 14.37 34.82
N GLY D 103 -13.26 14.43 34.97
CA GLY D 103 -12.39 13.57 34.19
C GLY D 103 -12.64 12.10 34.48
N GLY D 104 -12.14 11.25 33.60
CA GLY D 104 -12.37 9.82 33.73
C GLY D 104 -11.61 9.20 34.90
N THR D 105 -12.05 8.01 35.28
CA THR D 105 -11.32 7.11 36.18
C THR D 105 -11.44 5.77 35.47
N LYS D 106 -10.39 5.27 34.85
CA LYS D 106 -10.46 3.96 34.22
C LYS D 106 -10.18 2.87 35.24
N LEU D 107 -11.13 1.95 35.36
CA LEU D 107 -11.04 0.85 36.30
C LEU D 107 -10.59 -0.39 35.54
N THR D 108 -9.53 -1.02 36.02
CA THR D 108 -9.01 -2.24 35.42
C THR D 108 -9.24 -3.42 36.35
N VAL D 109 -9.73 -4.53 35.81
CA VAL D 109 -9.82 -5.78 36.55
C VAL D 109 -8.56 -6.58 36.26
N LEU D 110 -7.68 -6.67 37.25
CA LEU D 110 -6.42 -7.39 37.11
C LEU D 110 -6.56 -8.79 37.70
N GLY D 111 -5.60 -9.64 37.37
CA GLY D 111 -5.59 -11.01 37.86
C GLY D 111 -6.77 -11.86 37.42
N GLN D 112 -7.28 -11.62 36.21
CA GLN D 112 -8.31 -12.49 35.67
C GLN D 112 -7.72 -13.84 35.28
N PRO D 113 -8.53 -14.90 35.24
CA PRO D 113 -8.00 -16.23 34.93
C PRO D 113 -7.59 -16.35 33.48
N LYS D 114 -6.61 -17.22 33.25
CA LYS D 114 -6.14 -17.52 31.90
C LYS D 114 -7.13 -18.44 31.19
N ALA D 115 -7.40 -18.14 29.91
CA ALA D 115 -8.38 -18.89 29.13
C ALA D 115 -7.83 -19.14 27.73
N ALA D 116 -7.80 -20.41 27.33
CA ALA D 116 -7.28 -20.83 26.04
C ALA D 116 -8.29 -20.56 24.92
N PRO D 117 -7.83 -20.33 23.70
CA PRO D 117 -8.76 -19.90 22.64
C PRO D 117 -9.43 -21.05 21.92
N SER D 118 -10.60 -20.77 21.35
CA SER D 118 -11.27 -21.65 20.40
C SER D 118 -10.92 -21.21 18.98
N VAL D 119 -10.61 -22.19 18.13
CA VAL D 119 -10.17 -21.94 16.77
C VAL D 119 -11.10 -22.67 15.81
N THR D 120 -11.59 -21.94 14.81
CA THR D 120 -12.47 -22.49 13.79
C THR D 120 -12.01 -21.97 12.45
N LEU D 121 -11.65 -22.88 11.55
CA LEU D 121 -11.08 -22.52 10.26
C LEU D 121 -12.11 -22.78 9.16
N PHE D 122 -12.32 -21.78 8.31
CA PHE D 122 -13.35 -21.80 7.29
C PHE D 122 -12.73 -21.83 5.91
N PRO D 123 -13.10 -22.79 5.06
CA PRO D 123 -12.57 -22.81 3.70
C PRO D 123 -13.29 -21.80 2.83
N PRO D 124 -12.81 -21.51 1.64
CA PRO D 124 -13.52 -20.58 0.76
C PRO D 124 -14.87 -21.13 0.35
N SER D 125 -15.85 -20.24 0.27
CA SER D 125 -17.20 -20.65 -0.06
C SER D 125 -17.33 -20.90 -1.57
N SER D 126 -18.40 -21.61 -1.93
CA SER D 126 -18.66 -21.88 -3.35
C SER D 126 -19.00 -20.60 -4.10
N GLU D 127 -19.72 -19.69 -3.44
CA GLU D 127 -20.04 -18.40 -4.04
C GLU D 127 -18.76 -17.65 -4.39
N GLU D 128 -17.81 -17.61 -3.46
CA GLU D 128 -16.56 -16.87 -3.66
C GLU D 128 -15.73 -17.48 -4.79
N LEU D 129 -15.46 -18.79 -4.73
CA LEU D 129 -14.67 -19.43 -5.78
C LEU D 129 -15.28 -19.22 -7.16
N GLN D 130 -16.61 -19.11 -7.24
CA GLN D 130 -17.23 -18.80 -8.52
C GLN D 130 -17.03 -17.34 -8.89
N ALA D 131 -16.88 -16.45 -7.90
CA ALA D 131 -16.48 -15.07 -8.13
C ALA D 131 -14.99 -14.91 -8.38
N ASN D 132 -14.26 -16.01 -8.61
CA ASN D 132 -12.84 -15.99 -8.96
C ASN D 132 -11.95 -15.42 -7.87
N LYS D 133 -12.32 -15.62 -6.60
CA LYS D 133 -11.44 -15.30 -5.49
C LYS D 133 -11.59 -16.37 -4.42
N ALA D 134 -10.65 -16.37 -3.48
CA ALA D 134 -10.63 -17.39 -2.44
C ALA D 134 -10.00 -16.78 -1.19
N THR D 135 -10.74 -16.85 -0.08
CA THR D 135 -10.29 -16.32 1.20
C THR D 135 -10.56 -17.35 2.28
N LEU D 136 -9.58 -17.53 3.18
CA LEU D 136 -9.76 -18.37 4.36
C LEU D 136 -9.77 -17.50 5.59
N VAL D 137 -10.63 -17.85 6.55
CA VAL D 137 -10.72 -17.13 7.82
C VAL D 137 -10.41 -18.10 8.94
N CYS D 138 -9.56 -17.66 9.87
CA CYS D 138 -9.25 -18.40 11.09
C CYS D 138 -9.86 -17.62 12.25
N LEU D 139 -11.03 -18.05 12.71
CA LEU D 139 -11.72 -17.36 13.79
C LEU D 139 -11.16 -17.80 15.14
N ILE D 140 -10.80 -16.82 15.96
CA ILE D 140 -10.17 -17.02 17.26
C ILE D 140 -11.01 -16.31 18.31
N SER D 141 -11.46 -17.04 19.32
CA SER D 141 -12.39 -16.46 20.29
C SER D 141 -12.15 -17.06 21.68
N ASP D 142 -12.81 -16.43 22.66
CA ASP D 142 -12.91 -16.95 24.04
C ASP D 142 -11.57 -17.02 24.75
N PHE D 143 -10.62 -16.15 24.45
CA PHE D 143 -9.32 -16.24 25.12
C PHE D 143 -9.01 -15.01 25.95
N TYR D 144 -8.12 -15.22 26.92
CA TYR D 144 -7.60 -14.19 27.81
C TYR D 144 -6.25 -14.68 28.33
N PRO D 145 -5.22 -13.81 28.34
CA PRO D 145 -5.23 -12.39 27.94
C PRO D 145 -5.41 -12.16 26.44
N GLY D 146 -5.59 -10.90 26.05
CA GLY D 146 -5.90 -10.57 24.68
C GLY D 146 -4.71 -10.41 23.77
N ALA D 147 -3.87 -11.44 23.70
CA ALA D 147 -2.71 -11.44 22.81
C ALA D 147 -2.47 -12.84 22.28
N VAL D 148 -2.30 -12.95 20.96
CA VAL D 148 -1.99 -14.21 20.29
C VAL D 148 -1.08 -13.92 19.11
N THR D 149 -0.46 -14.97 18.59
CA THR D 149 0.27 -14.91 17.33
C THR D 149 -0.23 -16.02 16.42
N VAL D 150 -0.23 -15.76 15.12
CA VAL D 150 -0.84 -16.65 14.14
C VAL D 150 0.17 -16.99 13.07
N ALA D 151 0.24 -18.27 12.72
CA ALA D 151 1.01 -18.73 11.57
C ALA D 151 0.11 -19.55 10.67
N TRP D 152 0.32 -19.42 9.36
CA TRP D 152 -0.40 -20.21 8.37
C TRP D 152 0.56 -21.17 7.68
N LYS D 153 -0.02 -22.15 7.00
CA LYS D 153 0.77 -23.21 6.41
C LYS D 153 0.07 -23.71 5.15
N ALA D 154 0.80 -23.85 4.05
CA ALA D 154 0.32 -24.53 2.86
C ALA D 154 0.98 -25.91 2.80
N ASP D 155 0.15 -26.95 2.71
CA ASP D 155 0.60 -28.29 3.03
C ASP D 155 1.32 -28.26 4.37
N SER D 156 2.60 -28.62 4.41
CA SER D 156 3.39 -28.55 5.63
C SER D 156 4.36 -27.38 5.67
N SER D 157 4.32 -26.49 4.66
CA SER D 157 5.32 -25.43 4.53
C SER D 157 4.76 -24.08 4.94
N PRO D 158 5.60 -23.15 5.40
CA PRO D 158 5.11 -21.84 5.81
C PRO D 158 4.47 -21.05 4.66
N VAL D 159 3.41 -20.33 4.99
CA VAL D 159 2.80 -19.33 4.12
C VAL D 159 2.99 -17.98 4.80
N LYS D 160 3.82 -17.12 4.23
CA LYS D 160 4.05 -15.82 4.84
C LYS D 160 3.25 -14.71 4.15
N ALA D 161 3.27 -14.66 2.82
CA ALA D 161 2.61 -13.58 2.10
C ALA D 161 1.09 -13.68 2.22
N GLY D 162 0.45 -12.51 2.36
CA GLY D 162 -0.99 -12.41 2.25
C GLY D 162 -1.79 -12.66 3.50
N VAL D 163 -1.19 -12.51 4.68
CA VAL D 163 -1.88 -12.75 5.95
C VAL D 163 -2.19 -11.42 6.62
N GLU D 164 -3.38 -11.33 7.23
CA GLU D 164 -3.71 -10.24 8.13
C GLU D 164 -4.44 -10.79 9.36
N THR D 165 -4.10 -10.26 10.52
CA THR D 165 -4.73 -10.66 11.77
C THR D 165 -5.18 -9.41 12.52
N THR D 166 -6.46 -9.34 12.85
CA THR D 166 -7.00 -8.17 13.52
C THR D 166 -6.54 -8.12 14.98
N THR D 167 -6.60 -6.92 15.56
CA THR D 167 -6.29 -6.78 16.98
C THR D 167 -7.43 -7.33 17.81
N PRO D 168 -7.16 -8.18 18.80
CA PRO D 168 -8.26 -8.80 19.56
C PRO D 168 -8.96 -7.79 20.45
N SER D 169 -10.29 -7.83 20.43
CA SER D 169 -11.15 -6.96 21.22
C SER D 169 -12.09 -7.80 22.08
N LYS D 170 -12.33 -7.33 23.31
CA LYS D 170 -13.15 -8.09 24.24
C LYS D 170 -14.63 -8.00 23.86
N GLN D 171 -15.36 -9.09 24.08
CA GLN D 171 -16.73 -9.26 23.63
C GLN D 171 -17.65 -9.55 24.83
N SER D 172 -18.91 -9.85 24.53
CA SER D 172 -19.94 -10.00 25.55
C SER D 172 -19.50 -10.90 26.70
N ASN D 173 -18.89 -12.04 26.38
CA ASN D 173 -18.49 -13.00 27.40
C ASN D 173 -17.26 -12.56 28.18
N ASN D 174 -16.82 -11.31 28.01
CA ASN D 174 -15.67 -10.74 28.72
C ASN D 174 -14.36 -11.45 28.34
N LYS D 175 -14.35 -12.14 27.20
CA LYS D 175 -13.15 -12.76 26.68
C LYS D 175 -12.88 -12.23 25.28
N TYR D 176 -11.63 -12.32 24.86
CA TYR D 176 -11.18 -11.65 23.64
C TYR D 176 -11.51 -12.47 22.41
N ALA D 177 -11.61 -11.78 21.27
CA ALA D 177 -11.84 -12.41 19.98
C ALA D 177 -11.02 -11.69 18.93
N ALA D 178 -10.41 -12.48 18.04
CA ALA D 178 -9.68 -11.95 16.90
C ALA D 178 -9.93 -12.88 15.71
N SER D 179 -9.41 -12.51 14.55
CA SER D 179 -9.50 -13.36 13.38
C SER D 179 -8.35 -13.06 12.45
N SER D 180 -7.87 -14.11 11.78
CA SER D 180 -6.81 -14.01 10.78
C SER D 180 -7.35 -14.53 9.47
N TYR D 181 -7.11 -13.79 8.39
CA TYR D 181 -7.57 -14.22 7.08
C TYR D 181 -6.41 -14.26 6.11
N LEU D 182 -6.58 -15.08 5.08
CA LEU D 182 -5.54 -15.37 4.10
C LEU D 182 -6.19 -15.31 2.73
N SER D 183 -5.59 -14.55 1.82
CA SER D 183 -6.13 -14.35 0.48
C SER D 183 -5.36 -15.17 -0.52
N LEU D 184 -6.07 -15.96 -1.32
CA LEU D 184 -5.46 -16.81 -2.33
C LEU D 184 -6.26 -16.72 -3.61
N THR D 185 -5.62 -17.07 -4.70
CA THR D 185 -6.34 -17.35 -5.92
C THR D 185 -6.99 -18.73 -5.82
N PRO D 186 -8.10 -18.96 -6.53
CA PRO D 186 -8.65 -20.32 -6.58
C PRO D 186 -7.64 -21.36 -7.02
N GLU D 187 -6.77 -21.01 -7.97
CA GLU D 187 -5.78 -21.95 -8.47
C GLU D 187 -4.77 -22.33 -7.39
N GLN D 188 -4.47 -21.40 -6.48
CA GLN D 188 -3.61 -21.73 -5.34
C GLN D 188 -4.33 -22.66 -4.37
N TRP D 189 -5.59 -22.36 -4.08
CA TRP D 189 -6.34 -23.13 -3.09
C TRP D 189 -6.60 -24.56 -3.56
N LYS D 190 -6.90 -24.73 -4.85
CA LYS D 190 -7.16 -26.06 -5.38
C LYS D 190 -5.88 -26.84 -5.66
N SER D 191 -4.73 -26.16 -5.78
CA SER D 191 -3.49 -26.83 -6.14
C SER D 191 -2.79 -27.48 -4.94
N HIS D 192 -3.14 -27.09 -3.72
CA HIS D 192 -2.58 -27.71 -2.54
C HIS D 192 -3.56 -28.72 -1.96
N LYS D 193 -3.05 -29.56 -1.06
CA LYS D 193 -3.88 -30.56 -0.42
C LYS D 193 -4.60 -30.02 0.81
N SER D 194 -3.98 -29.07 1.51
CA SER D 194 -4.64 -28.46 2.68
C SER D 194 -3.93 -27.16 3.02
N TYR D 195 -4.63 -26.33 3.80
CA TYR D 195 -4.04 -25.20 4.49
C TYR D 195 -4.30 -25.35 5.98
N SER D 196 -3.43 -24.77 6.80
CA SER D 196 -3.55 -24.92 8.25
C SER D 196 -3.33 -23.57 8.93
N CYS D 197 -4.07 -23.36 10.01
CA CYS D 197 -3.95 -22.18 10.87
C CYS D 197 -3.48 -22.64 12.25
N GLN D 198 -2.41 -22.03 12.75
CA GLN D 198 -1.85 -22.36 14.05
C GLN D 198 -1.82 -21.12 14.93
N VAL D 199 -2.49 -21.20 16.07
CA VAL D 199 -2.67 -20.07 16.98
C VAL D 199 -1.87 -20.33 18.24
N THR D 200 -0.91 -19.45 18.53
CA THR D 200 -0.12 -19.53 19.75
C THR D 200 -0.68 -18.55 20.77
N HIS D 201 -1.07 -19.07 21.94
CA HIS D 201 -1.58 -18.24 23.03
C HIS D 201 -0.95 -18.73 24.32
N GLU D 202 -0.14 -17.87 24.95
CA GLU D 202 0.54 -18.21 26.20
C GLU D 202 1.39 -19.47 26.02
N GLY D 203 2.21 -19.47 24.97
CA GLY D 203 3.11 -20.58 24.70
C GLY D 203 2.45 -21.92 24.45
N SER D 204 1.17 -21.94 24.05
CA SER D 204 0.47 -23.17 23.71
C SER D 204 -0.26 -22.98 22.39
N THR D 205 -0.09 -23.93 21.48
CA THR D 205 -0.56 -23.79 20.11
C THR D 205 -1.77 -24.68 19.83
N VAL D 206 -2.64 -24.19 18.96
CA VAL D 206 -3.80 -24.93 18.47
C VAL D 206 -3.77 -24.89 16.95
N GLU D 207 -3.93 -26.04 16.32
CA GLU D 207 -3.80 -26.18 14.88
C GLU D 207 -5.10 -26.73 14.30
N LYS D 208 -5.59 -26.10 13.24
CA LYS D 208 -6.75 -26.57 12.50
C LYS D 208 -6.42 -26.60 11.02
N THR D 209 -6.97 -27.60 10.33
CA THR D 209 -6.64 -27.87 8.93
C THR D 209 -7.91 -28.04 8.12
N VAL D 210 -7.93 -27.46 6.92
CA VAL D 210 -9.04 -27.64 5.98
C VAL D 210 -8.46 -28.02 4.62
N ALA D 211 -9.31 -28.62 3.80
CA ALA D 211 -8.94 -29.15 2.51
C ALA D 211 -10.08 -28.91 1.54
N PRO D 212 -9.83 -28.99 0.23
CA PRO D 212 -10.93 -28.91 -0.74
C PRO D 212 -11.80 -30.16 -0.73
#